data_7RKN
#
_entry.id   7RKN
#
_cell.length_a   1.00
_cell.length_b   1.00
_cell.length_c   1.00
_cell.angle_alpha   90.00
_cell.angle_beta   90.00
_cell.angle_gamma   90.00
#
_symmetry.space_group_name_H-M   'P 1'
#
loop_
_entity.id
_entity.type
_entity.pdbx_description
1 polymer 'Guanine nucleotide-binding protein G(i) subunit alpha-1'
2 polymer 'Guanine nucleotide-binding protein G(I)/G(S)/G(T) subunit beta-1'
3 polymer 'Guanine nucleotide-binding protein G(I)/G(S)/G(O) subunit gamma-2'
4 polymer 'Antibody fragment scFv16'
5 polymer Fractalkine
6 polymer 'G-protein coupled receptor homolog US28'
#
loop_
_entity_poly.entity_id
_entity_poly.type
_entity_poly.pdbx_seq_one_letter_code
_entity_poly.pdbx_strand_id
1 'polypeptide(L)'
;GCTLSAEDKAAVERSKMIDRNLREDGEKAAREVKLLLLGAGESGKSTIVKQMKIIHEAGYSEEECKQYKAVVYSNTIQSI
IAIIRAMGRLKIDFGDSARADDARQLFVLAGAAEEGFMTAELAGVIKRLWKDSGVQACFNRSREYQLNDSAAYYLNDLDR
IAQPNYIPTQQDVLRTRVKTTGIVETHFTFKDLHFKMFDVGGQRSERKKWIHCFEGVTAIIFCVALSDYDLVLAEDEEMN
RMHESMKLFDSICNNKWFTDTSIILFLNKKDLFEEKIKKSPLTICYPEYAGSNTYEEAAAYIQCQFEDLNKRKDTKEIYT
HFTCATDTKNVQFVFDAVTDVIIKNNLKDCGLF
;
A
2 'polypeptide(L)'
;GPGSSGSELDQLRQEAEQLKNQIRDARKACADATLSQITNNIDPVGRIQMRTRRTLRGHLAKIYAMHWGTDSRLLVSASQ
DGKLIIWDSYTTNKVHAIPLRSSWVMTCAYAPSGNYVACGGLDNICSIYNLKTREGNVRVSRELAGHTGYLSCCRFLDDN
QIVTSSGDTTCALWDIETGQQTTTFTGHTGDVMSLSLAPDTRLFVSGACDASAKLWDVREGMCRQTFTGHESDINAICFF
PNGNAFATGSDDATCRLFDLRADQELMTYSHDNIICGITSVSFSKSGRLLLAGYDDFNCNVWDALKADRAGVLAGHDNRV
SCLGVTDDGMAVATGSWDSFLKIWN
;
B
3 'polypeptide(L)' ASNNTASIAQARKLVEQLKMEANIDRIKVSKAAADLMAYCEAHAKEDPLLTPVPASENPFREKKFFC C
4 'polypeptide(L)'
;DVQLVESGGGLVQPGGSRKLSCSASGFAFSSFGMHWVRQAPEKGLEWVAYISSGSGTIYYADTVKGRFTISRDDPKNTLF
LQMTSLRSEDTAMYYCVRSIYYYGSSPFDFWGQGTTLTVSSGGGGSGGGGSGGGGSDIVMTQATSSVPVTPGESVSISCR
SSKSLLHSNGNTYLYWFLQRPGQSPQLLIYRMSNLASGVPDRFSGSGSGTAFTLTISRLEAEDVGVYYCMQHLEYPLTFG
AGTKLELKGSLEVLFQ
;
D
5 'polypeptide(L)'
;(PCA)HHGVTKCNITCSKMTSKIPVALLIHYQQNQASCGKRAIILETRQHRLFCADPKEQWVKDAMQHLDRQAAALTRNG
GSGSGSAAALEVLFQ
;
L
6 'polypeptide(L)'
;DYKDDDDAMTPTTTTAELTTEFDYDEDATPCVFTDVLNQSKPVTLFLYGVVFLFGSIGNFLVIFTITWRRRIQCSGDVYF
INLAAADLLFVCTLPLWMQYLLDHNSLASVPCTLLTACFYVAMFASLCFITEIALDRYYAIVYMRYRPVKQACLFSIFWW
IFAVIIAIPHFMVVTKKDNQCMTDYDYLEVSYPIILNVELMLGAFVIPLSVISYCYYRISRIVAVSQSRHKGRIVRVLIA
VVLVFIIFWLPYHLTLFVDTLKLLKWISSSCEFERSLKRALILTESLAFCHCCLNPLLYVFVGTKFRQELHCLLAEFRQR
LFSRDVSWYHSMSFSRRSSPSRRETSSDTLSDEVCRVSQIIP
;
R
#
# COMPACT_ATOMS: atom_id res chain seq x y z
N THR A 3 3.87 -21.69 -8.43
CA THR A 3 3.66 -22.70 -7.39
C THR A 3 3.00 -22.09 -6.17
N LEU A 4 2.51 -22.94 -5.28
CA LEU A 4 1.89 -22.51 -4.03
C LEU A 4 2.76 -22.92 -2.85
N SER A 5 2.38 -22.42 -1.67
CA SER A 5 3.08 -22.75 -0.43
C SER A 5 2.33 -23.89 0.25
N ALA A 6 2.41 -23.99 1.58
CA ALA A 6 1.68 -25.06 2.24
C ALA A 6 0.88 -24.53 3.41
N GLU A 7 1.49 -24.41 4.60
CA GLU A 7 0.80 -23.73 5.68
C GLU A 7 0.98 -22.23 5.61
N ASP A 8 1.90 -21.75 4.78
CA ASP A 8 2.18 -20.33 4.67
C ASP A 8 1.09 -19.59 3.92
N LYS A 9 0.18 -20.33 3.27
CA LYS A 9 -0.97 -19.68 2.65
C LYS A 9 -1.89 -19.16 3.74
N ALA A 10 -1.96 -19.86 4.87
CA ALA A 10 -2.73 -19.33 5.99
C ALA A 10 -2.05 -18.10 6.54
N ALA A 11 -0.72 -18.05 6.46
CA ALA A 11 0.00 -16.84 6.86
C ALA A 11 -0.37 -15.70 5.93
N VAL A 12 -0.51 -16.00 4.62
CA VAL A 12 -0.94 -14.98 3.67
C VAL A 12 -2.34 -14.52 4.03
N GLU A 13 -3.19 -15.47 4.48
CA GLU A 13 -4.53 -15.11 4.88
C GLU A 13 -4.50 -14.20 6.10
N ARG A 14 -3.55 -14.45 7.02
CA ARG A 14 -3.39 -13.57 8.17
C ARG A 14 -3.04 -12.16 7.70
N SER A 15 -2.15 -12.06 6.71
CA SER A 15 -1.82 -10.75 6.14
C SER A 15 -3.07 -10.10 5.59
N LYS A 16 -3.88 -10.87 4.84
CA LYS A 16 -5.09 -10.32 4.28
C LYS A 16 -6.07 -9.97 5.39
N MET A 17 -6.07 -10.79 6.45
CA MET A 17 -7.02 -10.57 7.54
C MET A 17 -6.68 -9.30 8.30
N ILE A 18 -5.40 -8.89 8.29
CA ILE A 18 -5.13 -7.57 8.85
C ILE A 18 -5.10 -6.48 7.79
N ASP A 19 -4.85 -6.84 6.52
CA ASP A 19 -4.84 -5.83 5.46
C ASP A 19 -6.22 -5.22 5.30
N ARG A 20 -7.26 -6.05 5.37
CA ARG A 20 -8.62 -5.55 5.31
C ARG A 20 -8.90 -4.64 6.49
N ASN A 21 -8.42 -5.03 7.69
CA ASN A 21 -8.61 -4.20 8.86
C ASN A 21 -7.87 -2.90 8.71
N LEU A 22 -6.70 -2.94 8.05
CA LEU A 22 -5.94 -1.73 7.79
C LEU A 22 -6.78 -0.76 6.96
N ARG A 23 -7.43 -1.28 5.92
CA ARG A 23 -8.28 -0.44 5.09
C ARG A 23 -9.46 0.10 5.88
N GLU A 24 -10.02 -0.70 6.80
CA GLU A 24 -11.16 -0.17 7.54
C GLU A 24 -10.72 0.79 8.61
N ASP A 25 -9.43 0.80 8.96
CA ASP A 25 -8.96 1.90 9.78
C ASP A 25 -8.60 3.11 8.92
N GLY A 26 -8.07 2.87 7.71
CA GLY A 26 -7.78 3.97 6.81
C GLY A 26 -8.99 4.80 6.46
N GLU A 27 -10.11 4.13 6.19
CA GLU A 27 -11.37 4.82 5.96
C GLU A 27 -11.74 5.68 7.15
N LYS A 28 -11.63 5.10 8.36
CA LYS A 28 -11.94 5.84 9.56
C LYS A 28 -11.00 7.03 9.74
N ALA A 29 -9.77 6.91 9.24
CA ALA A 29 -8.84 8.01 9.34
C ALA A 29 -9.28 9.15 8.42
N ALA A 30 -9.82 8.81 7.25
CA ALA A 30 -10.38 9.85 6.39
C ALA A 30 -11.63 10.49 6.99
N ARG A 31 -12.33 9.81 7.90
CA ARG A 31 -13.47 10.44 8.52
C ARG A 31 -13.06 11.53 9.51
N GLU A 32 -11.93 11.36 10.18
CA GLU A 32 -11.48 12.33 11.16
C GLU A 32 -10.96 13.60 10.48
N VAL A 33 -11.03 14.70 11.23
CA VAL A 33 -10.59 16.02 10.76
C VAL A 33 -9.40 16.45 11.61
N LYS A 34 -8.27 16.72 10.97
CA LYS A 34 -7.07 17.17 11.66
C LYS A 34 -7.02 18.69 11.81
N LEU A 35 -6.57 19.15 12.99
CA LEU A 35 -6.54 20.57 13.33
C LEU A 35 -5.24 20.84 14.09
N LEU A 36 -4.21 21.25 13.37
CA LEU A 36 -2.97 21.72 13.98
C LEU A 36 -3.21 23.03 14.72
N LEU A 37 -2.83 23.12 16.00
CA LEU A 37 -3.08 24.33 16.78
C LEU A 37 -1.76 25.01 17.13
N LEU A 38 -1.59 26.25 16.67
CA LEU A 38 -0.43 27.08 16.97
C LEU A 38 -0.84 28.26 17.85
N GLY A 39 0.09 29.16 18.08
CA GLY A 39 -0.15 30.36 18.86
C GLY A 39 1.11 30.78 19.60
N ALA A 40 1.12 32.04 20.01
CA ALA A 40 2.22 32.56 20.81
C ALA A 40 2.15 31.98 22.23
N GLY A 41 3.16 32.31 23.03
CA GLY A 41 3.25 31.79 24.39
C GLY A 41 2.07 32.14 25.28
N GLU A 42 1.21 31.14 25.51
CA GLU A 42 -0.08 31.29 26.20
C GLU A 42 -0.87 32.48 25.60
N SER A 43 -0.88 32.55 24.27
CA SER A 43 -1.65 33.57 23.58
C SER A 43 -3.15 33.38 23.76
N GLY A 44 -3.67 32.29 23.20
CA GLY A 44 -5.08 31.97 23.35
C GLY A 44 -5.35 30.47 23.36
N LYS A 45 -4.28 29.67 23.45
CA LYS A 45 -4.39 28.22 23.30
C LYS A 45 -5.29 27.62 24.36
N SER A 46 -5.10 27.99 25.63
CA SER A 46 -5.94 27.47 26.70
C SER A 46 -7.38 27.92 26.54
N THR A 47 -7.58 29.16 26.09
CA THR A 47 -8.93 29.70 25.93
C THR A 47 -9.69 29.01 24.81
N ILE A 48 -8.99 28.45 23.83
CA ILE A 48 -9.68 27.85 22.68
C ILE A 48 -9.82 26.35 22.92
N VAL A 49 -8.87 25.74 23.62
CA VAL A 49 -9.06 24.32 23.95
C VAL A 49 -10.15 24.15 25.01
N LYS A 50 -10.33 25.12 25.91
CA LYS A 50 -11.36 24.98 26.93
C LYS A 50 -12.77 25.17 26.40
N GLN A 51 -12.92 25.59 25.13
CA GLN A 51 -14.26 25.77 24.56
C GLN A 51 -15.01 24.44 24.47
N MET A 52 -14.33 23.37 24.09
CA MET A 52 -14.93 22.05 24.03
C MET A 52 -13.87 20.99 24.35
N LYS A 53 -14.31 19.93 25.01
CA LYS A 53 -13.49 18.81 25.48
C LYS A 53 -12.46 18.28 24.47
N THR A 181 3.04 16.42 28.67
CA THR A 181 4.37 16.13 28.16
C THR A 181 4.57 16.78 26.79
N GLY A 182 4.45 15.97 25.74
CA GLY A 182 4.62 16.47 24.39
C GLY A 182 3.32 16.95 23.77
N ILE A 183 2.99 16.41 22.60
CA ILE A 183 1.71 16.70 21.95
C ILE A 183 0.58 16.16 22.80
N VAL A 184 -0.44 16.98 23.03
CA VAL A 184 -1.62 16.58 23.78
C VAL A 184 -2.81 16.64 22.82
N GLU A 185 -3.10 15.49 22.21
CA GLU A 185 -4.17 15.41 21.22
C GLU A 185 -5.53 15.54 21.89
N THR A 186 -6.41 16.33 21.26
CA THR A 186 -7.75 16.60 21.77
C THR A 186 -8.75 16.00 20.80
N HIS A 187 -9.25 14.81 21.14
CA HIS A 187 -10.29 14.15 20.36
C HIS A 187 -11.65 14.60 20.86
N PHE A 188 -12.48 15.11 19.95
CA PHE A 188 -13.88 15.37 20.31
C PHE A 188 -14.71 15.38 19.04
N THR A 189 -16.02 15.22 19.19
CA THR A 189 -16.89 15.11 18.03
C THR A 189 -17.96 16.20 18.07
N PHE A 190 -18.44 16.57 16.89
CA PHE A 190 -19.46 17.60 16.76
C PHE A 190 -20.25 17.34 15.49
N LYS A 191 -21.55 17.08 15.66
CA LYS A 191 -22.52 16.84 14.57
C LYS A 191 -22.02 15.81 13.55
N ASP A 192 -21.81 14.59 14.05
CA ASP A 192 -21.36 13.43 13.25
C ASP A 192 -20.06 13.72 12.50
N LEU A 193 -19.14 14.40 13.17
CA LEU A 193 -17.82 14.66 12.62
C LEU A 193 -16.82 14.70 13.78
N HIS A 194 -15.75 13.93 13.67
CA HIS A 194 -14.80 13.74 14.76
C HIS A 194 -13.53 14.52 14.46
N PHE A 195 -13.16 15.40 15.38
CA PHE A 195 -12.03 16.31 15.25
C PHE A 195 -10.89 15.83 16.15
N LYS A 196 -9.66 16.01 15.66
CA LYS A 196 -8.44 15.83 16.41
C LYS A 196 -7.73 17.17 16.41
N MET A 197 -7.28 17.61 17.59
CA MET A 197 -6.60 18.88 17.73
C MET A 197 -5.21 18.64 18.29
N PHE A 198 -4.21 19.28 17.70
CA PHE A 198 -2.79 18.99 17.98
C PHE A 198 -2.12 20.23 18.56
N ASP A 199 -2.09 20.32 19.89
CA ASP A 199 -1.45 21.42 20.61
C ASP A 199 0.06 21.19 20.57
N VAL A 200 0.72 21.75 19.56
CA VAL A 200 2.13 21.49 19.32
C VAL A 200 3.02 22.58 19.91
N GLY A 201 2.47 23.41 20.81
CA GLY A 201 3.28 24.45 21.43
C GLY A 201 4.37 23.92 22.35
N GLY A 202 4.10 22.82 23.04
CA GLY A 202 5.04 22.25 23.99
C GLY A 202 6.30 21.66 23.38
N GLN A 203 6.34 21.51 22.06
CA GLN A 203 7.51 20.96 21.36
C GLN A 203 8.60 22.03 21.29
N ARG A 204 9.29 22.21 22.43
CA ARG A 204 10.36 23.19 22.52
C ARG A 204 11.60 22.71 21.78
N SER A 205 11.56 22.73 20.46
CA SER A 205 12.67 22.27 19.63
C SER A 205 12.57 22.97 18.28
N GLU A 206 13.46 22.58 17.37
CA GLU A 206 13.49 23.15 16.02
C GLU A 206 12.23 22.74 15.27
N ARG A 207 11.37 23.74 14.98
CA ARG A 207 10.06 23.47 14.41
C ARG A 207 10.14 22.82 13.04
N LYS A 208 11.08 23.27 12.20
CA LYS A 208 11.17 22.78 10.82
C LYS A 208 11.60 21.32 10.74
N LYS A 209 12.16 20.75 11.81
CA LYS A 209 12.55 19.35 11.77
C LYS A 209 11.35 18.41 11.84
N TRP A 210 10.28 18.83 12.50
CA TRP A 210 9.11 17.97 12.68
C TRP A 210 7.84 18.55 12.08
N ILE A 211 7.89 19.75 11.51
CA ILE A 211 6.68 20.37 10.97
C ILE A 211 6.21 19.63 9.71
N HIS A 212 7.12 18.96 9.00
CA HIS A 212 6.75 18.23 7.79
C HIS A 212 5.90 17.00 8.09
N CYS A 213 5.87 16.54 9.35
CA CYS A 213 4.99 15.45 9.75
C CYS A 213 3.51 15.79 9.57
N PHE A 214 3.18 17.07 9.52
CA PHE A 214 1.79 17.51 9.45
C PHE A 214 1.33 17.87 8.05
N GLU A 215 2.12 17.52 7.03
CA GLU A 215 1.69 17.74 5.65
C GLU A 215 0.56 16.77 5.35
N GLY A 216 -0.68 17.26 5.45
CA GLY A 216 -1.84 16.40 5.32
C GLY A 216 -2.93 16.78 6.30
N VAL A 217 -2.56 17.57 7.31
CA VAL A 217 -3.53 18.11 8.26
C VAL A 217 -4.52 18.99 7.55
N THR A 218 -5.81 18.80 7.85
CA THR A 218 -6.88 19.51 7.16
C THR A 218 -6.82 21.01 7.43
N ALA A 219 -6.56 21.41 8.68
CA ALA A 219 -6.64 22.85 8.96
C ALA A 219 -5.73 23.26 10.11
N ILE A 220 -4.98 24.33 9.88
CA ILE A 220 -4.08 24.90 10.90
C ILE A 220 -4.89 25.96 11.65
N ILE A 221 -5.59 25.53 12.69
CA ILE A 221 -6.36 26.45 13.52
C ILE A 221 -5.39 27.32 14.33
N PHE A 222 -5.27 28.58 13.92
CA PHE A 222 -4.44 29.54 14.64
C PHE A 222 -5.21 30.11 15.84
N CYS A 223 -4.47 30.81 16.70
CA CYS A 223 -5.06 31.60 17.79
C CYS A 223 -4.05 32.65 18.22
N VAL A 224 -4.33 33.91 17.90
CA VAL A 224 -3.48 35.04 18.26
C VAL A 224 -4.31 36.02 19.08
N ALA A 225 -3.79 36.39 20.25
CA ALA A 225 -4.49 37.32 21.11
C ALA A 225 -4.43 38.75 20.57
N LEU A 226 -5.58 39.43 20.63
CA LEU A 226 -5.63 40.84 20.25
C LEU A 226 -4.99 41.73 21.29
N SER A 227 -5.18 41.41 22.58
CA SER A 227 -4.68 42.25 23.66
C SER A 227 -3.17 42.27 23.73
N ASP A 228 -2.50 41.27 23.14
CA ASP A 228 -1.03 41.23 23.07
C ASP A 228 -0.48 42.08 21.93
N TYR A 229 -0.77 43.38 21.97
CA TYR A 229 -0.37 44.28 20.89
C TYR A 229 0.49 45.43 21.40
N ASP A 230 1.01 45.32 22.62
CA ASP A 230 1.89 46.34 23.18
C ASP A 230 3.17 45.78 23.80
N LEU A 231 3.19 44.51 24.18
CA LEU A 231 4.36 43.91 24.78
C LEU A 231 5.28 43.30 23.73
N VAL A 232 6.41 42.77 24.17
CA VAL A 232 7.38 42.14 23.30
C VAL A 232 7.62 40.71 23.72
N ASN A 240 4.69 44.67 20.69
CA ASN A 240 4.47 44.43 19.28
C ASN A 240 4.64 42.95 18.94
N ARG A 241 4.37 42.07 19.91
CA ARG A 241 4.55 40.64 19.70
C ARG A 241 3.67 40.06 18.60
N MET A 242 2.60 40.75 18.18
CA MET A 242 1.87 40.32 16.99
C MET A 242 2.77 40.27 15.77
N HIS A 243 3.71 41.22 15.64
CA HIS A 243 4.63 41.14 14.52
C HIS A 243 5.52 39.91 14.64
N GLU A 244 5.85 39.52 15.89
CA GLU A 244 6.51 38.24 16.10
C GLU A 244 5.59 37.11 15.64
N SER A 245 4.30 37.25 15.97
CA SER A 245 3.28 36.32 15.50
C SER A 245 3.19 36.36 13.99
N MET A 246 3.34 37.56 13.39
CA MET A 246 3.35 37.65 11.93
C MET A 246 4.51 36.84 11.37
N LYS A 247 5.67 36.90 12.04
CA LYS A 247 6.80 36.10 11.63
C LYS A 247 6.45 34.63 11.71
N LEU A 248 5.79 34.23 12.80
CA LEU A 248 5.31 32.86 12.94
C LEU A 248 4.34 32.54 11.81
N PHE A 249 3.43 33.49 11.52
CA PHE A 249 2.49 33.30 10.42
C PHE A 249 3.25 33.24 9.12
N ASP A 250 4.28 34.10 8.98
CA ASP A 250 5.12 34.09 7.79
C ASP A 250 5.81 32.74 7.64
N SER A 251 6.18 32.13 8.77
CA SER A 251 6.81 30.82 8.68
C SER A 251 5.82 29.74 8.28
N ILE A 252 4.55 29.85 8.70
CA ILE A 252 3.62 28.75 8.47
C ILE A 252 2.76 28.92 7.23
N CYS A 253 2.51 30.16 6.81
CA CYS A 253 1.69 30.37 5.63
C CYS A 253 2.49 30.23 4.35
N ASN A 254 3.67 30.85 4.32
CA ASN A 254 4.62 30.70 3.24
C ASN A 254 5.41 29.39 3.30
N ASN A 255 5.05 28.48 4.21
CA ASN A 255 5.75 27.21 4.34
C ASN A 255 5.50 26.34 3.11
N LYS A 256 6.53 25.57 2.74
CA LYS A 256 6.44 24.71 1.57
C LYS A 256 5.49 23.54 1.80
N TRP A 257 5.38 23.06 3.04
CA TRP A 257 4.51 21.92 3.33
C TRP A 257 3.04 22.31 3.27
N PHE A 258 2.69 23.44 3.87
CA PHE A 258 1.29 23.87 3.94
C PHE A 258 0.93 24.80 2.79
N THR A 259 1.17 24.35 1.56
CA THR A 259 0.82 25.10 0.37
C THR A 259 -0.61 24.89 -0.08
N ASP A 260 -1.38 24.06 0.64
CA ASP A 260 -2.78 23.83 0.30
C ASP A 260 -3.71 23.82 1.51
N THR A 261 -3.20 23.98 2.73
CA THR A 261 -4.01 23.86 3.93
C THR A 261 -4.49 25.24 4.37
N SER A 262 -5.77 25.34 4.70
CA SER A 262 -6.36 26.58 5.17
C SER A 262 -5.86 26.94 6.57
N ILE A 263 -5.98 28.22 6.91
CA ILE A 263 -5.55 28.78 8.19
C ILE A 263 -6.76 29.50 8.78
N ILE A 264 -7.40 28.87 9.76
CA ILE A 264 -8.57 29.46 10.43
C ILE A 264 -8.04 30.36 11.54
N LEU A 265 -7.87 31.64 11.24
CA LEU A 265 -7.40 32.59 12.26
C LEU A 265 -8.42 32.77 13.38
N PHE A 266 -7.92 33.01 14.60
CA PHE A 266 -8.76 33.25 15.77
C PHE A 266 -8.19 34.38 16.61
N LEU A 267 -8.62 35.62 16.31
CA LEU A 267 -8.22 36.79 17.09
C LEU A 267 -9.17 36.96 18.27
N ASN A 268 -8.90 36.19 19.31
CA ASN A 268 -9.74 36.11 20.50
C ASN A 268 -9.44 37.26 21.47
N LYS A 269 -9.98 37.17 22.69
CA LYS A 269 -9.84 38.18 23.75
C LYS A 269 -10.34 39.54 23.28
N LYS A 270 -11.56 39.55 22.75
CA LYS A 270 -12.18 40.78 22.26
C LYS A 270 -12.36 41.82 23.37
N ASP A 271 -12.82 41.39 24.55
CA ASP A 271 -13.15 42.33 25.62
C ASP A 271 -11.95 43.15 26.08
N LEU A 272 -10.83 42.49 26.39
CA LEU A 272 -9.64 43.20 26.83
C LEU A 272 -9.05 44.02 25.69
N PHE A 273 -9.25 43.57 24.45
CA PHE A 273 -8.82 44.36 23.30
C PHE A 273 -9.61 45.66 23.22
N GLU A 274 -10.91 45.60 23.49
CA GLU A 274 -11.74 46.80 23.49
C GLU A 274 -11.35 47.74 24.61
N GLU A 275 -11.00 47.18 25.78
CA GLU A 275 -10.51 48.02 26.88
C GLU A 275 -9.19 48.71 26.50
N LYS A 276 -8.25 47.95 25.95
CA LYS A 276 -6.95 48.52 25.59
C LYS A 276 -6.99 49.38 24.33
N ILE A 277 -8.06 49.33 23.54
CA ILE A 277 -8.18 50.21 22.38
C ILE A 277 -8.99 51.46 22.71
N LYS A 278 -9.83 51.41 23.76
CA LYS A 278 -10.52 52.61 24.20
C LYS A 278 -9.59 53.62 24.86
N LYS A 279 -8.38 53.20 25.23
CA LYS A 279 -7.40 54.08 25.85
C LYS A 279 -6.05 54.13 25.15
N SER A 280 -5.90 53.45 24.01
CA SER A 280 -4.61 53.45 23.31
C SER A 280 -4.81 53.11 21.84
N PRO A 281 -4.15 53.82 20.93
CA PRO A 281 -4.29 53.52 19.50
C PRO A 281 -3.46 52.31 19.09
N LEU A 282 -3.68 51.88 17.84
CA LEU A 282 -2.88 50.80 17.25
C LEU A 282 -1.49 51.28 16.84
N THR A 283 -1.27 52.59 16.76
CA THR A 283 0.02 53.15 16.34
C THR A 283 1.14 52.88 17.34
N ILE A 284 0.81 52.42 18.55
CA ILE A 284 1.84 52.12 19.55
C ILE A 284 2.77 51.01 19.09
N CYS A 285 2.29 50.09 18.25
CA CYS A 285 3.16 49.05 17.70
C CYS A 285 3.29 49.09 16.19
N TYR A 286 2.37 49.72 15.46
CA TYR A 286 2.41 49.77 14.00
C TYR A 286 2.19 51.23 13.62
N PRO A 287 3.25 52.04 13.60
CA PRO A 287 3.10 53.48 13.28
C PRO A 287 2.48 53.80 11.92
N GLU A 288 2.63 52.92 10.92
CA GLU A 288 2.14 53.23 9.57
C GLU A 288 0.62 53.36 9.51
N TYR A 289 -0.10 52.73 10.44
CA TYR A 289 -1.56 52.83 10.47
C TYR A 289 -2.00 54.26 10.74
N ALA A 290 -2.95 54.75 9.93
CA ALA A 290 -3.43 56.12 10.05
C ALA A 290 -4.96 56.17 9.91
N GLY A 291 -5.65 55.22 10.52
CA GLY A 291 -7.11 55.20 10.52
C GLY A 291 -7.68 55.83 11.77
N SER A 292 -8.70 55.18 12.33
CA SER A 292 -9.34 55.66 13.55
C SER A 292 -9.10 54.68 14.68
N ASN A 293 -9.68 54.97 15.84
CA ASN A 293 -9.56 54.13 17.02
C ASN A 293 -10.82 53.33 17.32
N THR A 294 -11.80 53.32 16.42
CA THR A 294 -12.97 52.49 16.65
C THR A 294 -12.64 51.01 16.38
N TYR A 295 -13.41 50.14 17.03
CA TYR A 295 -13.16 48.70 16.98
C TYR A 295 -13.22 48.16 15.55
N GLU A 296 -14.32 48.45 14.84
CA GLU A 296 -14.71 47.64 13.68
C GLU A 296 -13.73 47.77 12.52
N GLU A 297 -13.44 49.01 12.09
CA GLU A 297 -12.58 49.18 10.92
C GLU A 297 -11.16 48.75 11.21
N ALA A 298 -10.67 48.99 12.44
CA ALA A 298 -9.32 48.57 12.79
C ALA A 298 -9.20 47.05 12.87
N ALA A 299 -10.21 46.38 13.44
CA ALA A 299 -10.21 44.92 13.48
C ALA A 299 -10.27 44.32 12.07
N ALA A 300 -11.14 44.86 11.21
CA ALA A 300 -11.20 44.38 9.83
C ALA A 300 -9.89 44.66 9.10
N TYR A 301 -9.26 45.80 9.39
CA TYR A 301 -8.02 46.16 8.73
C TYR A 301 -6.88 45.22 9.14
N ILE A 302 -6.77 44.90 10.44
CA ILE A 302 -5.70 43.98 10.86
C ILE A 302 -5.99 42.57 10.40
N GLN A 303 -7.27 42.19 10.28
CA GLN A 303 -7.60 40.91 9.65
C GLN A 303 -7.12 40.86 8.22
N CYS A 304 -7.36 41.94 7.46
CA CYS A 304 -6.87 42.01 6.09
C CYS A 304 -5.34 42.06 6.05
N GLN A 305 -4.71 42.68 7.04
CA GLN A 305 -3.26 42.73 7.12
C GLN A 305 -2.67 41.34 7.31
N PHE A 306 -3.31 40.52 8.17
CA PHE A 306 -2.93 39.11 8.27
C PHE A 306 -3.15 38.38 6.95
N GLU A 307 -4.29 38.61 6.30
CA GLU A 307 -4.60 37.92 5.05
C GLU A 307 -3.66 38.30 3.91
N ASP A 308 -3.08 39.50 3.96
CA ASP A 308 -2.18 39.95 2.90
C ASP A 308 -0.85 39.21 2.87
N LEU A 309 -0.53 38.42 3.89
CA LEU A 309 0.70 37.64 3.91
C LEU A 309 0.55 36.30 3.21
N ASN A 310 -0.62 36.01 2.65
CA ASN A 310 -0.88 34.70 2.06
C ASN A 310 0.01 34.43 0.84
N LYS A 311 -0.01 35.35 -0.13
CA LYS A 311 0.71 35.34 -1.41
C LYS A 311 0.23 34.20 -2.34
N ARG A 312 -0.67 33.34 -1.90
CA ARG A 312 -1.20 32.24 -2.70
C ARG A 312 -2.72 32.10 -2.49
N LYS A 313 -3.43 33.22 -2.69
CA LYS A 313 -4.84 33.37 -2.37
C LYS A 313 -5.74 32.34 -3.06
N ASP A 314 -5.28 31.72 -4.15
CA ASP A 314 -6.14 30.83 -4.92
C ASP A 314 -6.17 29.43 -4.36
N THR A 315 -5.00 28.84 -4.08
CA THR A 315 -4.96 27.44 -3.66
C THR A 315 -5.51 27.24 -2.25
N LYS A 316 -5.34 28.20 -1.36
CA LYS A 316 -5.84 28.10 0.01
C LYS A 316 -6.80 29.24 0.31
N GLU A 317 -7.27 29.28 1.54
CA GLU A 317 -8.23 30.31 1.98
C GLU A 317 -8.11 30.49 3.49
N ILE A 318 -7.56 31.63 3.89
CA ILE A 318 -7.31 31.96 5.30
C ILE A 318 -8.61 32.47 5.92
N TYR A 319 -9.31 31.61 6.67
CA TYR A 319 -10.52 32.05 7.34
C TYR A 319 -10.12 32.92 8.54
N THR A 320 -11.11 33.33 9.34
CA THR A 320 -10.92 34.14 10.54
C THR A 320 -12.22 34.40 11.30
N HIS A 321 -12.23 34.17 12.61
CA HIS A 321 -13.40 34.49 13.42
C HIS A 321 -13.00 35.23 14.69
N PHE A 322 -13.54 36.43 14.88
CA PHE A 322 -13.18 37.22 16.07
C PHE A 322 -14.07 36.74 17.20
N THR A 323 -13.64 35.67 17.89
CA THR A 323 -14.49 35.05 18.90
C THR A 323 -13.77 34.78 20.21
N CYS A 324 -14.37 35.24 21.30
CA CYS A 324 -13.95 34.89 22.65
C CYS A 324 -15.22 34.73 23.47
N ALA A 325 -15.30 33.65 24.26
CA ALA A 325 -16.45 33.37 25.14
C ALA A 325 -17.76 33.43 24.37
N THR A 326 -17.76 32.89 23.15
CA THR A 326 -18.97 32.85 22.33
C THR A 326 -19.71 31.52 22.41
N ASP A 327 -19.44 30.71 23.42
CA ASP A 327 -20.17 29.45 23.72
C ASP A 327 -20.01 28.49 22.53
N THR A 328 -21.05 27.72 22.20
CA THR A 328 -20.98 26.72 21.14
C THR A 328 -20.77 27.32 19.75
N LYS A 329 -21.09 28.60 19.54
CA LYS A 329 -20.98 29.20 18.21
C LYS A 329 -19.56 29.16 17.69
N ASN A 330 -18.57 29.24 18.58
CA ASN A 330 -17.17 29.10 18.18
C ASN A 330 -16.93 27.74 17.54
N VAL A 331 -17.44 26.69 18.20
CA VAL A 331 -17.29 25.33 17.71
C VAL A 331 -18.06 25.21 16.40
N GLN A 332 -19.19 25.92 16.31
CA GLN A 332 -20.01 25.83 15.11
C GLN A 332 -19.19 26.35 13.94
N PHE A 333 -18.43 27.45 14.16
CA PHE A 333 -17.59 27.95 13.08
C PHE A 333 -16.56 26.90 12.71
N VAL A 334 -16.11 26.12 13.70
CA VAL A 334 -15.00 25.19 13.42
C VAL A 334 -15.54 24.11 12.51
N PHE A 335 -16.75 23.62 12.82
CA PHE A 335 -17.39 22.57 12.05
C PHE A 335 -17.69 23.07 10.65
N ASP A 336 -18.15 24.33 10.54
CA ASP A 336 -18.49 24.88 9.24
C ASP A 336 -17.24 24.99 8.37
N ALA A 337 -16.17 25.57 8.93
CA ALA A 337 -14.92 25.75 8.22
C ALA A 337 -14.34 24.42 7.76
N VAL A 338 -14.33 23.41 8.62
CA VAL A 338 -13.73 22.13 8.24
C VAL A 338 -14.60 21.41 7.20
N THR A 339 -15.92 21.53 7.30
CA THR A 339 -16.77 20.96 6.25
C THR A 339 -16.52 21.67 4.93
N ASP A 340 -16.35 22.99 4.96
CA ASP A 340 -16.04 23.75 3.76
C ASP A 340 -14.74 23.29 3.12
N VAL A 341 -13.68 23.15 3.92
CA VAL A 341 -12.39 22.78 3.35
C VAL A 341 -12.40 21.33 2.88
N ILE A 342 -13.13 20.44 3.57
CA ILE A 342 -13.27 19.06 3.11
C ILE A 342 -14.00 19.00 1.77
N ILE A 343 -15.06 19.81 1.63
CA ILE A 343 -15.78 19.87 0.36
C ILE A 343 -14.90 20.44 -0.75
N LYS A 344 -14.09 21.46 -0.43
CA LYS A 344 -13.14 21.98 -1.42
C LYS A 344 -12.14 20.91 -1.84
N ASN A 345 -11.65 20.13 -0.89
CA ASN A 345 -10.71 19.05 -1.21
C ASN A 345 -11.37 18.00 -2.10
N ASN A 346 -12.61 17.60 -1.79
CA ASN A 346 -13.32 16.64 -2.61
C ASN A 346 -13.57 17.17 -4.02
N LEU A 347 -13.95 18.45 -4.12
CA LEU A 347 -14.17 19.09 -5.41
C LEU A 347 -12.87 19.15 -6.21
N LYS A 348 -11.73 19.34 -5.53
CA LYS A 348 -10.46 19.39 -6.24
C LYS A 348 -10.03 17.99 -6.69
N ASP A 349 -10.35 16.97 -5.90
CA ASP A 349 -10.01 15.60 -6.27
C ASP A 349 -10.84 15.14 -7.45
N CYS A 350 -12.16 15.43 -7.44
CA CYS A 350 -12.98 15.07 -8.59
C CYS A 350 -12.77 16.00 -9.78
N GLY A 351 -12.25 17.21 -9.54
CA GLY A 351 -11.97 18.13 -10.61
C GLY A 351 -12.99 19.23 -10.82
N LEU A 352 -14.03 19.29 -10.00
CA LEU A 352 -15.09 20.29 -10.23
C LEU A 352 -14.67 21.67 -9.73
N PHE A 353 -14.47 21.80 -8.42
CA PHE A 353 -14.29 23.08 -7.72
C PHE A 353 -15.33 24.13 -8.11
N ASP B 10 34.77 35.79 29.01
CA ASP B 10 35.38 35.20 30.19
C ASP B 10 36.64 34.43 29.80
N GLN B 11 37.49 34.15 30.80
CA GLN B 11 38.72 33.40 30.55
C GLN B 11 38.44 31.99 30.04
N LEU B 12 37.36 31.37 30.51
CA LEU B 12 37.00 30.04 30.04
C LEU B 12 36.63 30.04 28.56
N ARG B 13 36.08 31.15 28.07
CA ARG B 13 35.75 31.25 26.65
C ARG B 13 37.00 31.20 25.78
N GLN B 14 37.98 32.07 26.06
CA GLN B 14 39.20 32.08 25.25
C GLN B 14 40.01 30.81 25.47
N GLU B 15 39.88 30.20 26.66
CA GLU B 15 40.47 28.88 26.86
C GLU B 15 39.82 27.85 25.95
N ALA B 16 38.49 27.92 25.77
CA ALA B 16 37.82 26.99 24.87
C ALA B 16 38.25 27.19 23.43
N GLU B 17 38.41 28.43 22.97
CA GLU B 17 38.92 28.62 21.61
C GLU B 17 40.37 28.16 21.46
N GLN B 18 41.24 28.41 22.46
CA GLN B 18 42.61 27.91 22.32
C GLN B 18 42.65 26.38 22.33
N LEU B 19 41.79 25.72 23.12
CA LEU B 19 41.66 24.26 23.01
C LEU B 19 41.19 23.83 21.62
N LYS B 20 40.22 24.55 21.04
CA LYS B 20 39.76 24.22 19.70
C LYS B 20 40.88 24.37 18.67
N ASN B 21 41.69 25.42 18.82
CA ASN B 21 42.85 25.61 17.95
C ASN B 21 43.87 24.48 18.12
N GLN B 22 44.09 24.05 19.37
CA GLN B 22 44.99 22.92 19.63
C GLN B 22 44.48 21.64 18.98
N ILE B 23 43.16 21.38 19.09
CA ILE B 23 42.57 20.19 18.47
C ILE B 23 42.70 20.24 16.96
N ARG B 24 42.40 21.40 16.36
CA ARG B 24 42.49 21.55 14.91
C ARG B 24 43.93 21.37 14.42
N ASP B 25 44.91 21.96 15.11
CA ASP B 25 46.30 21.77 14.74
C ASP B 25 46.74 20.33 14.92
N ALA B 26 46.29 19.67 15.98
CA ALA B 26 46.65 18.27 16.21
C ALA B 26 46.10 17.36 15.11
N ARG B 27 44.83 17.55 14.73
CA ARG B 27 44.27 16.73 13.67
C ARG B 27 44.76 17.13 12.29
N LYS B 28 45.28 18.35 12.14
CA LYS B 28 45.94 18.71 10.89
C LYS B 28 47.30 18.06 10.77
N ALA B 29 47.95 17.79 11.92
CA ALA B 29 49.27 17.17 11.93
C ALA B 29 49.26 15.71 11.47
N CYS B 30 48.10 15.07 11.38
CA CYS B 30 48.03 13.68 10.95
C CYS B 30 47.42 13.49 9.57
N ALA B 31 46.72 14.50 9.04
CA ALA B 31 46.13 14.37 7.71
C ALA B 31 47.19 14.49 6.63
N ASP B 32 48.00 13.44 6.46
CA ASP B 32 49.10 13.45 5.51
C ASP B 32 48.78 12.68 4.23
N ALA B 33 47.55 12.21 4.07
CA ALA B 33 47.16 11.46 2.87
C ALA B 33 45.65 11.44 2.78
N THR B 34 45.11 11.97 1.69
CA THR B 34 43.69 11.85 1.41
C THR B 34 43.32 10.40 1.10
N LEU B 35 42.13 9.99 1.54
CA LEU B 35 41.65 8.64 1.26
C LEU B 35 41.51 8.40 -0.23
N SER B 36 41.03 9.40 -0.98
CA SER B 36 40.96 9.27 -2.43
C SER B 36 42.35 9.23 -3.06
N GLN B 37 43.32 9.90 -2.45
CA GLN B 37 44.69 9.91 -2.97
C GLN B 37 45.30 8.51 -2.90
N ILE B 38 45.08 7.78 -1.80
CA ILE B 38 45.68 6.46 -1.66
C ILE B 38 44.85 5.41 -2.41
N THR B 39 43.55 5.64 -2.57
CA THR B 39 42.68 4.70 -3.26
C THR B 39 42.44 5.08 -4.72
N ASN B 40 43.20 6.04 -5.25
CA ASN B 40 43.06 6.42 -6.65
C ASN B 40 43.42 5.27 -7.59
N ASN B 41 44.33 4.40 -7.17
CA ASN B 41 44.76 3.27 -7.98
C ASN B 41 43.96 2.00 -7.71
N ILE B 42 42.71 2.14 -7.30
CA ILE B 42 41.82 1.02 -7.02
C ILE B 42 40.79 0.94 -8.14
N ASP B 43 40.59 -0.27 -8.67
CA ASP B 43 39.58 -0.49 -9.69
C ASP B 43 38.19 -0.15 -9.16
N PRO B 44 37.37 0.58 -9.92
CA PRO B 44 36.09 1.03 -9.39
C PRO B 44 35.08 -0.10 -9.33
N VAL B 45 34.03 0.13 -8.53
CA VAL B 45 32.94 -0.85 -8.42
C VAL B 45 32.20 -0.99 -9.75
N GLY B 46 32.03 0.11 -10.49
CA GLY B 46 31.34 0.06 -11.76
C GLY B 46 29.96 0.70 -11.72
N ARG B 47 28.93 -0.08 -12.05
CA ARG B 47 27.55 0.37 -11.94
C ARG B 47 26.74 -0.67 -11.19
N ILE B 48 25.85 -0.20 -10.33
CA ILE B 48 25.04 -1.05 -9.47
C ILE B 48 23.59 -0.88 -9.88
N GLN B 49 23.06 -1.81 -10.67
CA GLN B 49 21.69 -1.75 -11.18
C GLN B 49 20.78 -2.56 -10.26
N MET B 50 20.31 -1.93 -9.19
CA MET B 50 19.40 -2.57 -8.26
C MET B 50 17.97 -2.47 -8.77
N ARG B 51 17.20 -3.54 -8.62
CA ARG B 51 15.80 -3.57 -9.02
C ARG B 51 14.91 -3.85 -7.83
N THR B 52 13.74 -3.21 -7.82
CA THR B 52 12.75 -3.35 -6.74
C THR B 52 12.17 -4.76 -6.74
N ARG B 53 12.68 -5.60 -5.84
CA ARG B 53 12.23 -6.99 -5.81
C ARG B 53 10.82 -7.16 -5.26
N ARG B 54 10.37 -6.28 -4.38
CA ARG B 54 9.03 -6.40 -3.82
C ARG B 54 8.36 -5.03 -3.75
N THR B 55 7.06 -5.03 -3.42
CA THR B 55 6.32 -3.81 -3.12
C THR B 55 5.04 -4.16 -2.37
N LEU B 56 4.90 -3.67 -1.13
CA LEU B 56 3.81 -4.01 -0.22
C LEU B 56 2.94 -2.75 -0.11
N ARG B 57 1.92 -2.67 -0.96
CA ARG B 57 1.10 -1.46 -1.07
C ARG B 57 0.03 -1.44 0.02
N GLY B 58 0.52 -1.42 1.27
CA GLY B 58 -0.31 -1.44 2.45
C GLY B 58 -0.49 -0.11 3.17
N HIS B 59 0.57 0.68 3.35
CA HIS B 59 0.46 1.87 4.16
C HIS B 59 -0.31 2.96 3.41
N LEU B 60 -0.80 3.94 4.16
CA LEU B 60 -1.55 5.05 3.58
C LEU B 60 -0.96 6.43 3.83
N ALA B 61 -0.06 6.58 4.81
CA ALA B 61 0.55 7.88 5.08
C ALA B 61 2.06 7.81 4.89
N LYS B 62 2.72 8.93 5.19
CA LYS B 62 4.17 9.03 5.03
C LYS B 62 4.89 8.10 5.99
N ILE B 63 5.91 7.41 5.48
CA ILE B 63 6.71 6.48 6.26
C ILE B 63 7.98 7.20 6.70
N TYR B 64 8.25 7.15 8.01
CA TYR B 64 9.38 7.88 8.57
C TYR B 64 10.53 7.01 9.07
N ALA B 65 10.34 5.70 9.21
CA ALA B 65 11.42 4.85 9.71
C ALA B 65 11.11 3.39 9.44
N MET B 66 12.15 2.57 9.58
CA MET B 66 12.13 1.12 9.41
C MET B 66 13.42 0.56 9.96
N HIS B 67 13.33 -0.62 10.55
CA HIS B 67 14.51 -1.33 11.02
C HIS B 67 14.41 -2.78 10.59
N TRP B 68 15.46 -3.26 9.92
CA TRP B 68 15.50 -4.66 9.49
C TRP B 68 15.62 -5.60 10.68
N GLY B 69 15.16 -6.82 10.49
CA GLY B 69 15.33 -7.84 11.50
C GLY B 69 16.77 -8.28 11.65
N THR B 70 17.04 -8.89 12.81
CA THR B 70 18.37 -9.44 13.06
C THR B 70 18.64 -10.68 12.21
N ASP B 71 17.59 -11.43 11.88
CA ASP B 71 17.70 -12.62 11.03
C ASP B 71 17.60 -12.29 9.55
N SER B 72 17.68 -11.01 9.19
CA SER B 72 17.77 -10.52 7.81
C SER B 72 16.54 -10.84 6.98
N ARG B 73 15.41 -11.20 7.60
CA ARG B 73 14.18 -11.43 6.85
C ARG B 73 13.08 -10.45 7.21
N LEU B 74 12.71 -10.33 8.47
CA LEU B 74 11.64 -9.42 8.84
C LEU B 74 12.14 -7.98 8.88
N LEU B 75 11.20 -7.04 8.82
CA LEU B 75 11.56 -5.63 8.94
C LEU B 75 10.35 -4.88 9.49
N VAL B 76 10.56 -4.04 10.48
CA VAL B 76 9.47 -3.25 11.05
C VAL B 76 9.47 -1.88 10.37
N SER B 77 8.28 -1.42 9.96
CA SER B 77 8.18 -0.14 9.27
C SER B 77 7.09 0.71 9.92
N ALA B 78 7.41 1.96 10.22
CA ALA B 78 6.50 2.86 10.92
C ALA B 78 6.05 3.99 10.00
N SER B 79 4.79 4.38 10.12
CA SER B 79 4.22 5.39 9.26
C SER B 79 3.25 6.26 10.04
N GLN B 80 2.95 7.43 9.48
CA GLN B 80 2.10 8.43 10.12
C GLN B 80 0.64 8.02 10.24
N ASP B 81 0.22 6.93 9.59
CA ASP B 81 -1.15 6.46 9.77
C ASP B 81 -1.41 5.90 11.17
N GLY B 82 -0.37 5.69 11.96
CA GLY B 82 -0.52 5.25 13.33
C GLY B 82 -0.28 3.78 13.56
N LYS B 83 0.15 3.04 12.54
CA LYS B 83 0.39 1.60 12.65
C LYS B 83 1.74 1.27 12.02
N LEU B 84 2.64 0.70 12.82
CA LEU B 84 3.91 0.16 12.35
C LEU B 84 3.74 -1.35 12.16
N ILE B 85 4.11 -1.85 11.00
CA ILE B 85 3.80 -3.21 10.60
C ILE B 85 5.10 -3.97 10.33
N ILE B 86 5.17 -5.16 10.93
CA ILE B 86 6.34 -6.03 10.87
C ILE B 86 6.20 -6.88 9.61
N TRP B 87 6.89 -6.47 8.55
CA TRP B 87 6.93 -7.16 7.28
C TRP B 87 7.77 -8.42 7.32
N ASP B 88 7.46 -9.29 6.36
CA ASP B 88 8.23 -10.48 5.98
C ASP B 88 8.70 -10.16 4.57
N SER B 89 9.96 -9.74 4.44
CA SER B 89 10.44 -9.22 3.15
C SER B 89 10.48 -10.28 2.07
N TYR B 90 10.79 -11.53 2.44
CA TYR B 90 10.91 -12.59 1.44
C TYR B 90 9.58 -12.93 0.77
N THR B 91 8.49 -12.94 1.54
CA THR B 91 7.20 -13.39 1.02
C THR B 91 6.10 -12.33 1.07
N THR B 92 6.45 -11.05 1.26
CA THR B 92 5.57 -9.89 1.12
C THR B 92 4.46 -9.88 2.19
N ASN B 93 4.46 -10.83 3.13
CA ASN B 93 3.39 -10.89 4.13
C ASN B 93 3.51 -9.75 5.13
N LYS B 94 2.52 -9.67 6.02
CA LYS B 94 2.47 -8.70 7.10
C LYS B 94 2.31 -9.48 8.40
N VAL B 95 3.42 -9.70 9.11
CA VAL B 95 3.39 -10.53 10.31
C VAL B 95 2.55 -9.89 11.40
N HIS B 96 2.67 -8.58 11.61
CA HIS B 96 1.94 -7.91 12.68
C HIS B 96 1.49 -6.53 12.23
N ALA B 97 0.59 -5.96 13.02
CA ALA B 97 0.09 -4.60 12.80
C ALA B 97 -0.24 -4.02 14.17
N ILE B 98 0.51 -3.02 14.59
CA ILE B 98 0.45 -2.50 15.95
C ILE B 98 -0.10 -1.09 15.91
N PRO B 99 -1.36 -0.87 16.31
CA PRO B 99 -1.92 0.49 16.36
C PRO B 99 -1.33 1.30 17.51
N LEU B 100 -0.69 2.41 17.16
CA LEU B 100 -0.05 3.27 18.14
C LEU B 100 -1.05 4.04 18.98
N ARG B 101 -0.60 4.44 20.17
CA ARG B 101 -1.38 5.37 20.99
C ARG B 101 -1.50 6.72 20.30
N SER B 102 -0.37 7.28 19.88
CA SER B 102 -0.33 8.53 19.14
C SER B 102 0.25 8.26 17.76
N SER B 103 -0.44 8.73 16.72
CA SER B 103 -0.07 8.45 15.33
C SER B 103 1.26 9.07 14.92
N TRP B 104 1.82 10.00 15.69
CA TRP B 104 3.06 10.66 15.34
C TRP B 104 4.23 9.75 15.71
N VAL B 105 4.94 9.24 14.70
CA VAL B 105 6.08 8.37 14.90
C VAL B 105 7.23 8.83 14.01
N MET B 106 8.40 9.00 14.61
CA MET B 106 9.61 9.34 13.88
C MET B 106 10.63 8.22 13.85
N THR B 107 10.50 7.20 14.68
CA THR B 107 11.48 6.13 14.71
C THR B 107 10.85 4.83 15.14
N CYS B 108 11.51 3.74 14.74
CA CYS B 108 11.16 2.40 15.16
C CYS B 108 12.39 1.53 15.06
N ALA B 109 12.52 0.60 16.02
CA ALA B 109 13.65 -0.31 16.13
C ALA B 109 13.12 -1.71 16.35
N TYR B 110 13.89 -2.68 15.90
CA TYR B 110 13.58 -4.10 16.04
C TYR B 110 14.75 -4.73 16.78
N ALA B 111 14.48 -5.33 17.94
CA ALA B 111 15.52 -5.80 18.84
C ALA B 111 16.35 -6.92 18.19
N PRO B 112 17.64 -7.00 18.52
CA PRO B 112 18.49 -8.06 17.95
C PRO B 112 18.15 -9.47 18.41
N SER B 113 17.13 -9.65 19.24
CA SER B 113 16.61 -10.97 19.57
C SER B 113 15.29 -11.26 18.85
N GLY B 114 14.70 -10.26 18.20
CA GLY B 114 13.49 -10.43 17.43
C GLY B 114 12.19 -10.39 18.21
N ASN B 115 12.23 -10.21 19.53
CA ASN B 115 11.02 -10.25 20.33
C ASN B 115 10.67 -8.91 20.97
N TYR B 116 11.17 -7.80 20.44
CA TYR B 116 10.84 -6.49 20.98
C TYR B 116 10.90 -5.45 19.87
N VAL B 117 9.94 -4.53 19.90
CA VAL B 117 9.85 -3.44 18.92
C VAL B 117 9.68 -2.12 19.66
N ALA B 118 10.50 -1.14 19.33
CA ALA B 118 10.36 0.17 19.95
C ALA B 118 9.97 1.20 18.91
N CYS B 119 9.17 2.18 19.32
CA CYS B 119 8.78 3.20 18.35
C CYS B 119 8.37 4.48 19.05
N GLY B 120 8.78 5.61 18.47
CA GLY B 120 8.43 6.90 19.03
C GLY B 120 8.35 8.01 18.01
N GLY B 121 7.88 9.15 18.49
CA GLY B 121 7.72 10.32 17.65
C GLY B 121 7.57 11.59 18.47
N LEU B 122 6.67 12.46 18.03
CA LEU B 122 6.42 13.76 18.65
C LEU B 122 5.75 13.67 20.02
N ASP B 123 5.50 12.47 20.54
CA ASP B 123 4.82 12.28 21.81
C ASP B 123 5.77 12.14 22.99
N ASN B 124 7.08 12.26 22.76
CA ASN B 124 8.15 12.20 23.76
C ASN B 124 8.27 10.84 24.44
N ILE B 125 7.63 9.80 23.90
CA ILE B 125 7.69 8.45 24.44
C ILE B 125 7.88 7.48 23.28
N CYS B 126 8.96 6.71 23.28
CA CYS B 126 9.09 5.61 22.34
C CYS B 126 8.78 4.32 23.10
N SER B 127 7.55 3.85 22.91
CA SER B 127 7.05 2.69 23.63
C SER B 127 7.74 1.41 23.18
N ILE B 128 7.78 0.46 24.11
CA ILE B 128 8.40 -0.85 23.94
C ILE B 128 7.27 -1.88 23.87
N TYR B 129 7.15 -2.51 22.70
CA TYR B 129 6.19 -3.57 22.41
C TYR B 129 6.87 -4.93 22.51
N ASN B 130 6.16 -5.90 23.10
CA ASN B 130 6.64 -7.27 23.28
C ASN B 130 5.88 -8.15 22.29
N LEU B 131 6.59 -8.64 21.26
CA LEU B 131 5.94 -9.41 20.21
C LEU B 131 5.70 -10.85 20.62
N LYS B 132 6.78 -11.59 20.90
CA LYS B 132 6.70 -13.02 21.17
C LYS B 132 6.21 -13.22 22.60
N THR B 133 4.89 -13.09 22.76
CA THR B 133 4.25 -13.24 24.06
C THR B 133 3.29 -14.42 24.06
N ARG B 134 2.98 -14.91 25.25
CA ARG B 134 2.08 -16.03 25.41
C ARG B 134 0.62 -15.60 25.22
N GLU B 135 0.33 -14.32 25.46
CA GLU B 135 -1.03 -13.80 25.48
C GLU B 135 -1.62 -13.66 24.08
N GLY B 136 -0.85 -13.95 23.04
CA GLY B 136 -1.29 -13.99 21.66
C GLY B 136 -1.22 -12.71 20.86
N ASN B 137 -1.53 -11.58 21.48
CA ASN B 137 -1.54 -10.29 20.79
C ASN B 137 -0.44 -9.39 21.36
N VAL B 138 0.14 -8.58 20.48
CA VAL B 138 1.15 -7.63 20.94
C VAL B 138 0.48 -6.54 21.78
N ARG B 139 1.28 -5.90 22.62
CA ARG B 139 0.80 -4.84 23.48
C ARG B 139 1.98 -3.98 23.88
N VAL B 140 1.68 -2.82 24.47
CA VAL B 140 2.73 -1.96 25.00
C VAL B 140 3.35 -2.70 26.18
N SER B 141 4.56 -3.22 26.02
CA SER B 141 5.22 -3.84 27.16
C SER B 141 5.51 -2.78 28.22
N ARG B 142 6.15 -1.68 27.82
CA ARG B 142 6.36 -0.55 28.74
C ARG B 142 6.39 0.76 27.97
N GLU B 143 6.10 1.84 28.69
CA GLU B 143 5.95 3.19 28.14
C GLU B 143 7.11 4.04 28.67
N LEU B 144 8.25 4.01 27.97
CA LEU B 144 9.44 4.70 28.47
C LEU B 144 9.30 6.20 28.28
N ALA B 145 9.15 6.93 29.38
CA ALA B 145 8.93 8.37 29.34
C ALA B 145 9.93 9.09 30.24
N GLY B 146 10.15 10.37 29.92
CA GLY B 146 11.10 11.18 30.65
C GLY B 146 11.82 12.20 29.78
N HIS B 147 11.74 12.04 28.47
CA HIS B 147 12.29 13.04 27.56
C HIS B 147 11.42 14.29 27.55
N THR B 148 12.02 15.41 27.16
CA THR B 148 11.33 16.70 27.11
C THR B 148 11.33 17.35 25.74
N GLY B 149 11.85 16.68 24.70
CA GLY B 149 11.83 17.22 23.36
C GLY B 149 10.95 16.41 22.42
N TYR B 150 11.58 15.55 21.61
CA TYR B 150 10.90 14.63 20.73
C TYR B 150 11.92 13.59 20.30
N LEU B 151 11.56 12.31 20.40
CA LEU B 151 12.51 11.26 20.06
C LEU B 151 12.62 11.11 18.54
N SER B 152 13.82 10.76 18.09
CA SER B 152 14.10 10.66 16.66
C SER B 152 14.74 9.35 16.25
N CYS B 153 15.43 8.66 17.17
CA CYS B 153 16.00 7.36 16.86
C CYS B 153 16.21 6.56 18.16
N CYS B 154 15.30 5.62 18.42
CA CYS B 154 15.54 4.60 19.44
C CYS B 154 16.22 3.40 18.78
N ARG B 155 17.26 2.88 19.44
CA ARG B 155 17.95 1.68 18.98
C ARG B 155 18.16 0.73 20.16
N PHE B 156 18.04 -0.57 19.89
CA PHE B 156 18.11 -1.59 20.93
C PHE B 156 19.55 -2.04 21.12
N LEU B 157 20.09 -1.84 22.32
CA LEU B 157 21.35 -2.48 22.68
C LEU B 157 21.15 -3.97 22.90
N ASP B 158 20.13 -4.33 23.68
CA ASP B 158 19.71 -5.71 23.90
C ASP B 158 18.25 -5.66 24.35
N ASP B 159 17.75 -6.75 24.92
CA ASP B 159 16.36 -6.79 25.37
C ASP B 159 16.12 -6.01 26.65
N ASN B 160 17.13 -5.37 27.23
CA ASN B 160 16.98 -4.58 28.44
C ASN B 160 17.44 -3.14 28.29
N GLN B 161 18.54 -2.90 27.56
CA GLN B 161 19.07 -1.56 27.36
C GLN B 161 18.68 -1.04 25.99
N ILE B 162 18.16 0.19 25.96
CA ILE B 162 17.78 0.87 24.73
C ILE B 162 18.32 2.30 24.75
N VAL B 163 19.06 2.67 23.72
CA VAL B 163 19.50 4.05 23.59
C VAL B 163 18.45 4.81 22.79
N THR B 164 18.20 6.05 23.17
CA THR B 164 17.21 6.88 22.52
C THR B 164 17.82 8.24 22.24
N SER B 165 17.50 8.79 21.06
CA SER B 165 17.81 10.18 20.77
C SER B 165 16.72 11.06 21.38
N SER B 166 16.75 12.35 21.09
CA SER B 166 15.73 13.27 21.56
C SER B 166 15.90 14.61 20.83
N GLY B 167 14.90 15.47 21.02
CA GLY B 167 14.94 16.85 20.57
C GLY B 167 15.28 17.84 21.66
N ASP B 168 15.58 17.37 22.87
CA ASP B 168 15.96 18.24 23.98
C ASP B 168 17.44 18.09 24.33
N THR B 169 18.26 17.77 23.33
CA THR B 169 19.72 17.71 23.33
C THR B 169 20.28 16.54 24.13
N THR B 170 19.43 15.66 24.68
CA THR B 170 19.88 14.61 25.59
C THR B 170 19.55 13.24 25.01
N CYS B 171 20.57 12.54 24.54
CA CYS B 171 20.45 11.11 24.29
C CYS B 171 20.41 10.38 25.62
N ALA B 172 19.53 9.39 25.73
CA ALA B 172 19.39 8.68 27.00
C ALA B 172 19.59 7.19 26.80
N LEU B 173 20.16 6.54 27.81
CA LEU B 173 20.27 5.09 27.84
C LEU B 173 19.29 4.59 28.89
N TRP B 174 18.19 4.01 28.44
CA TRP B 174 17.16 3.55 29.35
C TRP B 174 17.52 2.16 29.87
N ASP B 175 16.69 1.68 30.79
CA ASP B 175 16.80 0.32 31.33
C ASP B 175 15.37 -0.18 31.45
N ILE B 176 14.99 -1.10 30.56
CA ILE B 176 13.58 -1.44 30.36
C ILE B 176 12.96 -2.00 31.63
N GLU B 177 13.64 -2.96 32.26
CA GLU B 177 13.04 -3.71 33.37
C GLU B 177 12.77 -2.82 34.58
N THR B 178 13.59 -1.79 34.79
CA THR B 178 13.31 -0.80 35.82
C THR B 178 12.69 0.49 35.27
N GLY B 179 12.53 0.59 33.95
CA GLY B 179 11.89 1.75 33.36
C GLY B 179 12.71 3.02 33.31
N GLN B 180 13.17 3.49 34.47
CA GLN B 180 13.94 4.72 34.53
C GLN B 180 15.32 4.51 33.92
N GLN B 181 15.83 5.55 33.26
CA GLN B 181 17.10 5.48 32.56
C GLN B 181 18.26 5.39 33.56
N THR B 182 19.47 5.25 33.01
CA THR B 182 20.69 5.18 33.82
C THR B 182 21.60 6.38 33.57
N THR B 183 21.99 6.61 32.32
CA THR B 183 22.88 7.72 31.97
C THR B 183 22.11 8.77 31.18
N THR B 184 22.81 9.86 30.85
CA THR B 184 22.23 10.94 30.05
C THR B 184 23.38 11.59 29.29
N PHE B 185 23.50 11.28 28.01
CA PHE B 185 24.59 11.75 27.16
C PHE B 185 24.33 13.17 26.66
N THR B 186 24.27 14.11 27.60
CA THR B 186 24.16 15.51 27.26
C THR B 186 25.52 16.11 26.95
N GLY B 187 25.52 17.29 26.35
CA GLY B 187 26.75 18.00 26.11
C GLY B 187 26.82 18.81 24.82
N HIS B 188 25.95 18.50 23.85
CA HIS B 188 25.84 19.30 22.63
C HIS B 188 24.42 19.83 22.50
N THR B 189 24.30 21.13 22.25
CA THR B 189 23.04 21.86 22.38
C THR B 189 22.33 21.99 21.03
N GLY B 190 21.94 20.85 20.45
CA GLY B 190 21.22 20.89 19.19
C GLY B 190 19.89 20.18 19.21
N ASP B 191 19.69 19.26 18.26
CA ASP B 191 18.48 18.44 18.17
C ASP B 191 18.92 17.12 17.57
N VAL B 192 19.15 16.11 18.41
CA VAL B 192 19.68 14.83 17.95
C VAL B 192 18.65 14.17 17.04
N MET B 193 19.03 13.93 15.79
CA MET B 193 18.13 13.37 14.80
C MET B 193 18.50 11.96 14.35
N SER B 194 19.58 11.38 14.89
CA SER B 194 19.97 10.03 14.54
C SER B 194 20.96 9.49 15.55
N LEU B 195 20.97 8.17 15.69
CA LEU B 195 21.95 7.43 16.48
C LEU B 195 22.51 6.31 15.63
N SER B 196 23.62 5.74 16.10
CA SER B 196 24.24 4.60 15.41
C SER B 196 25.09 3.83 16.39
N LEU B 197 24.71 2.58 16.65
CA LEU B 197 25.50 1.68 17.49
C LEU B 197 26.69 1.12 16.73
N ALA B 198 27.84 1.09 17.39
CA ALA B 198 29.00 0.40 16.85
C ALA B 198 28.72 -1.11 16.82
N PRO B 199 29.37 -1.85 15.92
CA PRO B 199 29.14 -3.31 15.85
C PRO B 199 29.44 -4.07 17.13
N ASP B 200 30.39 -3.61 17.94
CA ASP B 200 30.64 -4.23 19.24
C ASP B 200 29.75 -3.66 20.34
N THR B 201 28.89 -2.69 20.01
CA THR B 201 27.86 -2.10 20.88
C THR B 201 28.42 -1.49 22.16
N ARG B 202 29.72 -1.18 22.21
CA ARG B 202 30.29 -0.47 23.34
C ARG B 202 30.22 1.04 23.18
N LEU B 203 30.18 1.53 21.95
CA LEU B 203 30.17 2.95 21.64
C LEU B 203 29.00 3.26 20.71
N PHE B 204 28.51 4.50 20.78
CA PHE B 204 27.48 4.90 19.83
C PHE B 204 27.67 6.36 19.46
N VAL B 205 27.31 6.70 18.23
CA VAL B 205 27.44 8.08 17.75
C VAL B 205 26.06 8.68 17.55
N SER B 206 26.00 10.00 17.71
CA SER B 206 24.76 10.76 17.64
C SER B 206 24.93 12.00 16.78
N GLY B 207 23.92 12.27 15.94
CA GLY B 207 23.90 13.45 15.10
C GLY B 207 22.83 14.46 15.42
N ALA B 208 23.23 15.64 15.88
CA ALA B 208 22.27 16.69 16.22
C ALA B 208 22.30 17.80 15.17
N CYS B 209 21.47 18.81 15.42
CA CYS B 209 21.37 20.01 14.58
C CYS B 209 22.44 21.04 14.89
N ASP B 210 23.49 20.65 15.60
CA ASP B 210 24.67 21.49 15.80
C ASP B 210 25.68 21.33 14.68
N ALA B 211 25.35 20.53 13.66
CA ALA B 211 26.28 20.12 12.59
C ALA B 211 27.53 19.45 13.18
N SER B 212 27.33 18.68 14.26
CA SER B 212 28.44 18.12 15.01
C SER B 212 28.03 16.75 15.52
N ALA B 213 28.45 15.70 14.82
CA ALA B 213 28.25 14.35 15.31
C ALA B 213 29.23 14.07 16.44
N LYS B 214 28.78 13.29 17.43
CA LYS B 214 29.63 12.95 18.57
C LYS B 214 29.63 11.46 18.85
N LEU B 215 30.80 10.97 19.28
CA LEU B 215 31.00 9.58 19.64
C LEU B 215 30.99 9.48 21.15
N TRP B 216 29.98 8.79 21.69
CA TRP B 216 29.75 8.59 23.11
C TRP B 216 30.13 7.17 23.52
N ASP B 217 30.64 7.05 24.75
CA ASP B 217 30.90 5.77 25.38
C ASP B 217 29.68 5.36 26.18
N VAL B 218 29.06 4.24 25.79
CA VAL B 218 27.82 3.80 26.43
C VAL B 218 28.05 3.45 27.89
N ARG B 219 29.12 2.70 28.17
CA ARG B 219 29.38 2.23 29.54
C ARG B 219 29.73 3.39 30.47
N GLU B 220 30.66 4.25 30.06
CA GLU B 220 31.08 5.36 30.91
C GLU B 220 29.98 6.41 31.03
N GLY B 221 29.61 7.01 29.91
CA GLY B 221 28.63 8.07 29.88
C GLY B 221 29.17 9.45 29.54
N MET B 222 30.36 9.53 28.96
CA MET B 222 30.99 10.79 28.61
C MET B 222 31.33 10.80 27.14
N CYS B 223 31.18 11.96 26.50
CA CYS B 223 31.49 12.12 25.08
C CYS B 223 32.94 11.82 24.78
N ARG B 224 33.20 10.71 24.09
CA ARG B 224 34.58 10.33 23.81
C ARG B 224 35.19 11.26 22.76
N GLN B 225 34.48 11.52 21.67
CA GLN B 225 35.03 12.32 20.58
C GLN B 225 33.95 13.22 19.99
N THR B 226 34.40 14.30 19.37
CA THR B 226 33.51 15.28 18.74
C THR B 226 34.00 15.55 17.32
N PHE B 227 33.08 15.51 16.36
CA PHE B 227 33.41 15.67 14.96
C PHE B 227 32.66 16.86 14.37
N THR B 228 33.36 17.64 13.56
CA THR B 228 32.77 18.79 12.88
C THR B 228 33.20 18.79 11.42
N GLY B 229 32.50 19.60 10.63
CA GLY B 229 32.78 19.69 9.20
C GLY B 229 31.55 19.91 8.36
N HIS B 230 30.38 19.76 8.98
CA HIS B 230 29.12 20.13 8.34
C HIS B 230 28.74 21.55 8.71
N GLU B 231 28.01 22.22 7.82
CA GLU B 231 27.49 23.55 8.12
C GLU B 231 26.04 23.53 8.60
N SER B 232 25.14 22.84 7.91
CA SER B 232 23.76 22.70 8.38
C SER B 232 23.61 21.38 9.14
N ASP B 233 22.37 21.10 9.55
CA ASP B 233 22.09 20.05 10.51
C ASP B 233 22.38 18.66 9.96
N ILE B 234 22.64 17.72 10.87
CA ILE B 234 22.92 16.32 10.56
C ILE B 234 21.71 15.51 10.99
N ASN B 235 21.17 14.70 10.07
CA ASN B 235 20.00 13.90 10.45
C ASN B 235 20.07 12.47 9.93
N ALA B 236 21.28 11.95 9.72
CA ALA B 236 21.45 10.59 9.23
C ALA B 236 22.88 10.15 9.49
N ILE B 237 23.06 9.07 10.25
CA ILE B 237 24.38 8.53 10.55
C ILE B 237 24.32 7.00 10.54
N CYS B 238 25.34 6.37 9.97
CA CYS B 238 25.52 4.93 10.04
C CYS B 238 26.99 4.59 10.25
N PHE B 239 27.27 3.68 11.18
CA PHE B 239 28.63 3.16 11.33
C PHE B 239 29.11 2.34 10.14
N PHE B 240 30.40 2.44 9.88
CA PHE B 240 31.07 1.51 8.99
C PHE B 240 31.07 0.12 9.62
N PRO B 241 30.94 -0.94 8.83
CA PRO B 241 30.89 -2.30 9.42
C PRO B 241 32.12 -2.68 10.24
N ASN B 242 33.30 -2.15 9.90
CA ASN B 242 34.48 -2.38 10.72
C ASN B 242 34.29 -1.81 12.13
N GLY B 243 33.66 -0.65 12.23
CA GLY B 243 33.38 -0.03 13.51
C GLY B 243 34.30 1.10 13.90
N ASN B 244 35.16 1.56 12.99
CA ASN B 244 36.05 2.67 13.26
C ASN B 244 35.75 3.90 12.41
N ALA B 245 34.76 3.83 11.53
CA ALA B 245 34.33 4.97 10.74
C ALA B 245 32.81 5.07 10.79
N PHE B 246 32.30 6.23 10.39
CA PHE B 246 30.85 6.43 10.34
C PHE B 246 30.54 7.58 9.39
N ALA B 247 29.56 7.35 8.51
CA ALA B 247 29.14 8.33 7.52
C ALA B 247 27.92 9.09 8.02
N THR B 248 27.95 10.41 7.89
CA THR B 248 26.89 11.29 8.33
C THR B 248 26.20 11.90 7.12
N GLY B 249 24.87 11.98 7.20
CA GLY B 249 24.05 12.63 6.19
C GLY B 249 23.46 13.93 6.73
N SER B 250 23.51 14.97 5.91
CA SER B 250 23.13 16.31 6.30
C SER B 250 22.26 16.95 5.22
N ASP B 251 21.68 18.10 5.56
CA ASP B 251 20.94 18.90 4.60
C ASP B 251 21.85 19.61 3.60
N ASP B 252 23.17 19.55 3.78
CA ASP B 252 24.16 20.18 2.91
C ASP B 252 24.25 19.56 1.52
N ALA B 253 23.43 18.55 1.20
CA ALA B 253 23.46 17.73 -0.01
C ALA B 253 24.72 16.89 -0.11
N THR B 254 25.49 16.79 0.97
CA THR B 254 26.75 16.04 1.00
C THR B 254 26.67 15.02 2.12
N CYS B 255 27.36 13.91 1.96
CA CYS B 255 27.57 12.96 3.04
C CYS B 255 29.04 12.95 3.42
N ARG B 256 29.35 12.96 4.71
CA ARG B 256 30.76 13.00 5.10
C ARG B 256 31.11 11.74 5.88
N LEU B 257 32.31 11.23 5.65
CA LEU B 257 32.75 9.99 6.31
C LEU B 257 33.83 10.34 7.32
N PHE B 258 33.46 10.32 8.60
CA PHE B 258 34.42 10.55 9.66
C PHE B 258 35.02 9.22 10.12
N ASP B 259 36.22 9.31 10.69
CA ASP B 259 36.94 8.17 11.22
C ASP B 259 37.10 8.37 12.72
N LEU B 260 37.06 7.27 13.48
CA LEU B 260 37.18 7.38 14.93
C LEU B 260 38.63 7.46 15.37
N ARG B 261 39.50 6.62 14.80
CA ARG B 261 40.91 6.66 15.16
C ARG B 261 41.64 7.83 14.53
N ALA B 262 41.24 8.26 13.33
CA ALA B 262 41.78 9.46 12.74
C ALA B 262 41.11 10.73 13.26
N ASP B 263 39.95 10.59 13.90
CA ASP B 263 39.23 11.65 14.63
C ASP B 263 38.79 12.81 13.72
N GLN B 264 38.72 12.59 12.40
CA GLN B 264 38.41 13.71 11.52
C GLN B 264 37.80 13.19 10.21
N GLU B 265 37.31 14.14 9.43
CA GLU B 265 36.69 13.87 8.13
C GLU B 265 37.67 13.23 7.16
N LEU B 266 37.17 12.32 6.33
CA LEU B 266 37.99 11.72 5.29
C LEU B 266 37.49 12.04 3.90
N MET B 267 36.20 11.80 3.64
CA MET B 267 35.53 12.04 2.37
C MET B 267 34.30 12.89 2.54
N THR B 268 33.96 13.57 1.44
CA THR B 268 32.78 14.41 1.30
C THR B 268 32.09 14.00 0.00
N TYR B 269 31.15 13.08 0.14
CA TYR B 269 30.34 12.50 -0.94
C TYR B 269 29.31 13.54 -1.35
N SER B 270 29.82 14.54 -2.08
CA SER B 270 29.07 15.68 -2.58
C SER B 270 28.85 15.52 -4.08
N HIS B 271 27.85 16.23 -4.59
CA HIS B 271 27.60 16.27 -6.02
C HIS B 271 27.02 17.63 -6.36
N ASP B 272 27.66 18.32 -7.32
CA ASP B 272 27.20 19.63 -7.76
C ASP B 272 25.77 19.59 -8.28
N ASN B 273 25.40 18.53 -9.00
CA ASN B 273 24.04 18.38 -9.50
C ASN B 273 23.03 18.20 -8.37
N ILE B 274 23.46 17.75 -7.20
CA ILE B 274 22.57 17.48 -6.08
C ILE B 274 22.43 18.73 -5.21
N ILE B 275 21.19 19.12 -4.95
CA ILE B 275 20.87 20.27 -4.11
C ILE B 275 19.97 19.88 -2.95
N CYS B 276 19.42 18.67 -2.96
CA CYS B 276 18.47 18.18 -1.98
C CYS B 276 19.18 17.60 -0.76
N GLY B 277 18.45 17.53 0.35
CA GLY B 277 19.00 17.04 1.59
C GLY B 277 19.18 15.53 1.61
N ILE B 278 19.49 15.03 2.81
CA ILE B 278 19.69 13.62 3.08
C ILE B 278 18.81 13.22 4.25
N THR B 279 18.09 12.12 4.12
CA THR B 279 17.23 11.62 5.19
C THR B 279 17.77 10.40 5.91
N SER B 280 18.42 9.48 5.22
CA SER B 280 18.98 8.30 5.86
C SER B 280 20.14 7.76 5.05
N VAL B 281 21.13 7.20 5.75
CA VAL B 281 22.36 6.69 5.18
C VAL B 281 22.58 5.29 5.73
N SER B 282 23.14 4.40 4.91
CA SER B 282 23.42 3.04 5.33
C SER B 282 24.52 2.45 4.45
N PHE B 283 25.54 1.88 5.08
CA PHE B 283 26.61 1.21 4.34
C PHE B 283 26.12 -0.13 3.81
N SER B 284 27.01 -0.80 3.09
CA SER B 284 26.81 -2.18 2.68
C SER B 284 27.48 -3.11 3.69
N LYS B 285 27.36 -4.42 3.47
CA LYS B 285 27.94 -5.38 4.40
C LYS B 285 29.47 -5.28 4.42
N SER B 286 30.10 -5.15 3.26
CA SER B 286 31.54 -4.95 3.23
C SER B 286 31.92 -3.52 3.59
N GLY B 287 31.06 -2.55 3.28
CA GLY B 287 31.36 -1.15 3.48
C GLY B 287 31.70 -0.38 2.22
N ARG B 288 31.93 -1.09 1.11
CA ARG B 288 32.28 -0.42 -0.15
C ARG B 288 31.17 0.50 -0.62
N LEU B 289 29.93 0.04 -0.59
CA LEU B 289 28.80 0.83 -1.03
C LEU B 289 28.26 1.65 0.14
N LEU B 290 28.07 2.95 -0.10
CA LEU B 290 27.51 3.86 0.89
C LEU B 290 26.17 4.36 0.35
N LEU B 291 25.12 3.62 0.66
CA LEU B 291 23.80 4.03 0.22
C LEU B 291 23.33 5.23 1.04
N ALA B 292 22.45 6.04 0.45
CA ALA B 292 21.99 7.26 1.09
C ALA B 292 20.67 7.69 0.48
N GLY B 293 19.74 8.09 1.34
CA GLY B 293 18.42 8.48 0.87
C GLY B 293 18.25 9.97 0.66
N TYR B 294 18.32 10.39 -0.60
CA TYR B 294 18.28 11.81 -0.90
C TYR B 294 16.84 12.32 -0.88
N ASP B 295 16.71 13.64 -0.85
CA ASP B 295 15.40 14.29 -0.77
C ASP B 295 14.75 14.54 -2.13
N ASP B 296 15.40 14.17 -3.23
CA ASP B 296 14.85 14.40 -4.56
C ASP B 296 14.13 13.18 -5.10
N PHE B 297 13.45 12.46 -4.21
CA PHE B 297 12.53 11.34 -4.43
C PHE B 297 13.26 10.06 -4.78
N ASN B 298 14.58 10.06 -4.86
CA ASN B 298 15.35 8.89 -5.25
C ASN B 298 16.51 8.67 -4.30
N CYS B 299 16.93 7.42 -4.17
CA CYS B 299 18.15 7.09 -3.46
C CYS B 299 19.36 7.31 -4.36
N ASN B 300 20.55 7.08 -3.81
CA ASN B 300 21.79 7.25 -4.58
C ASN B 300 22.89 6.49 -3.87
N VAL B 301 23.45 5.49 -4.55
CA VAL B 301 24.56 4.71 -4.00
C VAL B 301 25.82 5.56 -4.06
N TRP B 302 26.87 5.13 -3.35
CA TRP B 302 28.14 5.85 -3.34
C TRP B 302 29.27 4.87 -3.10
N ASP B 303 30.29 4.92 -3.95
CA ASP B 303 31.52 4.16 -3.76
C ASP B 303 32.29 4.79 -2.62
N ALA B 304 32.18 4.22 -1.43
CA ALA B 304 32.69 4.84 -0.20
C ALA B 304 34.22 4.87 -0.11
N LEU B 305 34.98 4.45 -1.12
CA LEU B 305 36.41 4.68 -1.15
C LEU B 305 36.85 5.47 -2.38
N LYS B 306 35.91 5.91 -3.23
CA LYS B 306 36.21 6.61 -4.46
C LYS B 306 35.40 7.87 -4.66
N ALA B 307 34.39 8.13 -3.81
CA ALA B 307 33.63 9.38 -3.72
C ALA B 307 32.77 9.67 -4.95
N ASP B 308 32.59 8.73 -5.86
CA ASP B 308 31.74 8.94 -7.03
C ASP B 308 30.64 7.89 -7.06
N ARG B 309 29.45 8.32 -7.45
CA ARG B 309 28.27 7.46 -7.45
C ARG B 309 28.42 6.31 -8.46
N ALA B 310 27.62 5.27 -8.25
CA ALA B 310 27.66 4.12 -9.16
C ALA B 310 26.26 3.59 -9.45
N GLY B 311 25.27 4.47 -9.47
CA GLY B 311 23.90 4.07 -9.73
C GLY B 311 22.91 4.89 -8.92
N VAL B 312 21.67 4.90 -9.38
CA VAL B 312 20.58 5.65 -8.75
C VAL B 312 19.41 4.70 -8.58
N LEU B 313 18.86 4.63 -7.37
CA LEU B 313 17.71 3.79 -7.10
C LEU B 313 16.40 4.56 -7.25
N ALA B 314 16.21 5.18 -8.41
CA ALA B 314 15.03 6.01 -8.66
C ALA B 314 13.82 5.12 -8.85
N GLY B 315 13.03 4.94 -7.79
CA GLY B 315 11.84 4.13 -7.88
C GLY B 315 10.70 4.66 -7.03
N HIS B 316 10.86 5.85 -6.46
CA HIS B 316 9.88 6.42 -5.55
C HIS B 316 9.34 7.72 -6.12
N ASP B 317 8.17 8.13 -5.62
CA ASP B 317 7.52 9.36 -6.05
C ASP B 317 7.64 10.48 -5.04
N ASN B 318 7.87 10.17 -3.77
CA ASN B 318 8.16 11.16 -2.75
C ASN B 318 9.54 10.85 -2.16
N ARG B 319 9.97 11.69 -1.22
CA ARG B 319 11.31 11.57 -0.66
C ARG B 319 11.47 10.30 0.15
N VAL B 320 12.58 9.61 -0.07
CA VAL B 320 12.92 8.42 0.70
C VAL B 320 13.44 8.82 2.08
N SER B 321 12.71 8.40 3.13
CA SER B 321 12.96 8.87 4.48
C SER B 321 13.64 7.86 5.38
N CYS B 322 13.93 6.66 4.90
CA CYS B 322 14.57 5.65 5.73
C CYS B 322 15.19 4.58 4.86
N LEU B 323 16.30 4.01 5.35
CA LEU B 323 16.99 2.92 4.69
C LEU B 323 17.36 1.87 5.73
N GLY B 324 17.83 0.73 5.23
CA GLY B 324 18.29 -0.34 6.06
C GLY B 324 18.93 -1.42 5.22
N VAL B 325 20.08 -1.94 5.66
CA VAL B 325 20.80 -2.98 4.96
C VAL B 325 20.89 -4.21 5.85
N THR B 326 20.52 -5.35 5.30
CA THR B 326 20.45 -6.59 6.05
C THR B 326 21.81 -7.01 6.57
N ASP B 327 21.81 -7.74 7.69
CA ASP B 327 23.05 -8.25 8.25
C ASP B 327 23.72 -9.27 7.34
N ASP B 328 22.95 -9.93 6.47
CA ASP B 328 23.52 -10.76 5.41
C ASP B 328 24.02 -9.95 4.23
N GLY B 329 23.70 -8.65 4.17
CA GLY B 329 23.98 -7.86 2.99
C GLY B 329 23.18 -8.23 1.77
N MET B 330 22.10 -8.99 1.92
CA MET B 330 21.37 -9.51 0.77
C MET B 330 20.42 -8.49 0.14
N ALA B 331 20.07 -7.44 0.86
CA ALA B 331 19.09 -6.48 0.33
C ALA B 331 19.18 -5.16 1.06
N VAL B 332 18.68 -4.12 0.40
CA VAL B 332 18.34 -2.85 1.02
C VAL B 332 16.83 -2.67 0.83
N ALA B 333 16.26 -1.66 1.47
CA ALA B 333 14.85 -1.31 1.28
C ALA B 333 14.68 0.15 1.63
N THR B 334 14.40 0.97 0.62
CA THR B 334 14.42 2.43 0.75
C THR B 334 12.98 2.95 0.92
N GLY B 335 12.50 2.88 2.16
CA GLY B 335 11.20 3.42 2.51
C GLY B 335 11.01 4.92 2.33
N SER B 336 9.93 5.31 1.66
CA SER B 336 9.72 6.69 1.25
C SER B 336 8.38 7.21 1.77
N TRP B 337 8.09 8.47 1.47
CA TRP B 337 6.90 9.17 1.95
C TRP B 337 5.65 8.86 1.14
N ASP B 338 5.76 8.08 0.06
CA ASP B 338 4.61 7.67 -0.73
C ASP B 338 3.96 6.40 -0.20
N SER B 339 4.34 5.99 1.01
CA SER B 339 3.82 4.85 1.77
C SER B 339 4.28 3.52 1.23
N PHE B 340 5.29 3.50 0.36
CA PHE B 340 5.77 2.26 -0.26
C PHE B 340 7.24 2.05 0.10
N LEU B 341 7.56 0.94 0.74
CA LEU B 341 8.94 0.48 0.77
C LEU B 341 9.19 -0.43 -0.42
N LYS B 342 10.43 -0.43 -0.89
CA LYS B 342 10.83 -1.20 -2.06
C LYS B 342 12.14 -1.89 -1.75
N ILE B 343 12.12 -3.22 -1.64
CA ILE B 343 13.31 -3.98 -1.27
C ILE B 343 14.15 -4.14 -2.52
N TRP B 344 15.14 -3.27 -2.69
CA TRP B 344 16.07 -3.39 -3.81
C TRP B 344 17.09 -4.48 -3.54
N ASN B 345 17.78 -4.89 -4.60
CA ASN B 345 18.78 -5.94 -4.50
C ASN B 345 19.84 -5.75 -5.58
N ILE C 8 27.48 29.95 33.62
CA ILE C 8 28.88 30.18 33.98
C ILE C 8 29.61 28.85 34.13
N ALA C 9 29.10 27.99 35.01
CA ALA C 9 29.68 26.67 35.21
C ALA C 9 29.51 25.76 33.99
N GLN C 10 28.54 26.03 33.13
CA GLN C 10 28.41 25.28 31.88
C GLN C 10 29.60 25.52 30.97
N ALA C 11 30.19 26.71 31.01
CA ALA C 11 31.44 26.95 30.29
C ALA C 11 32.58 26.10 30.84
N ARG C 12 32.64 25.95 32.17
CA ARG C 12 33.64 25.08 32.77
C ARG C 12 33.43 23.63 32.36
N LYS C 13 32.18 23.17 32.33
CA LYS C 13 31.88 21.82 31.88
C LYS C 13 32.27 21.63 30.41
N LEU C 14 31.99 22.63 29.57
CA LEU C 14 32.35 22.56 28.16
C LEU C 14 33.86 22.49 27.97
N VAL C 15 34.60 23.35 28.66
CA VAL C 15 36.05 23.36 28.49
C VAL C 15 36.67 22.09 29.07
N GLU C 16 36.07 21.55 30.14
CA GLU C 16 36.52 20.27 30.67
C GLU C 16 36.29 19.14 29.66
N GLN C 17 35.14 19.16 28.98
CA GLN C 17 34.87 18.14 27.95
C GLN C 17 35.86 18.23 26.80
N LEU C 18 36.16 19.44 26.32
CA LEU C 18 37.17 19.59 25.27
C LEU C 18 38.56 19.19 25.75
N LYS C 19 38.92 19.54 26.98
CA LYS C 19 40.23 19.15 27.49
C LYS C 19 40.34 17.63 27.63
N MET C 20 39.28 16.97 28.08
CA MET C 20 39.28 15.51 28.18
C MET C 20 39.37 14.87 26.80
N GLU C 21 38.65 15.42 25.82
CA GLU C 21 38.65 14.85 24.48
C GLU C 21 39.97 15.10 23.76
N ALA C 22 40.63 16.22 24.06
CA ALA C 22 41.89 16.57 23.39
C ALA C 22 43.00 15.58 23.75
N ASN C 23 43.06 15.15 25.00
CA ASN C 23 44.08 14.21 25.44
C ASN C 23 43.71 12.82 24.93
N ILE C 24 44.13 12.54 23.70
CA ILE C 24 43.86 11.27 23.04
C ILE C 24 44.89 11.11 21.93
N ASP C 25 45.17 9.87 21.56
CA ASP C 25 46.11 9.60 20.48
C ASP C 25 45.38 9.38 19.15
N ARG C 26 45.72 10.20 18.16
CA ARG C 26 45.13 10.14 16.83
C ARG C 26 46.16 9.59 15.87
N ILE C 27 45.91 8.39 15.34
CA ILE C 27 46.84 7.81 14.38
C ILE C 27 46.76 8.56 13.05
N LYS C 28 47.76 8.33 12.21
CA LYS C 28 47.81 8.96 10.91
C LYS C 28 46.70 8.43 10.01
N VAL C 29 46.20 9.33 9.14
CA VAL C 29 45.15 9.00 8.19
C VAL C 29 45.63 7.95 7.19
N SER C 30 46.94 7.89 6.94
CA SER C 30 47.49 6.85 6.07
C SER C 30 47.18 5.45 6.60
N LYS C 31 47.48 5.19 7.87
CA LYS C 31 47.18 3.89 8.47
C LYS C 31 45.68 3.71 8.64
N ALA C 32 44.98 4.75 9.12
CA ALA C 32 43.54 4.71 9.38
C ALA C 32 42.72 4.57 8.11
N ALA C 33 43.32 4.78 6.94
CA ALA C 33 42.68 4.54 5.66
C ALA C 33 43.14 3.24 5.02
N ALA C 34 44.41 2.87 5.20
CA ALA C 34 44.91 1.61 4.66
C ALA C 34 44.25 0.41 5.32
N ASP C 35 44.07 0.43 6.64
CA ASP C 35 43.41 -0.68 7.31
C ASP C 35 41.93 -0.76 6.92
N LEU C 36 41.29 0.41 6.75
CA LEU C 36 39.87 0.45 6.36
C LEU C 36 39.69 -0.11 4.95
N MET C 37 40.53 0.30 4.00
CA MET C 37 40.42 -0.22 2.65
C MET C 37 40.82 -1.70 2.58
N ALA C 38 41.77 -2.14 3.42
CA ALA C 38 42.11 -3.56 3.46
C ALA C 38 40.94 -4.38 3.99
N TYR C 39 40.24 -3.86 5.00
CA TYR C 39 39.02 -4.51 5.48
C TYR C 39 37.95 -4.57 4.39
N CYS C 40 37.79 -3.48 3.63
CA CYS C 40 36.82 -3.46 2.55
C CYS C 40 37.16 -4.44 1.43
N GLU C 41 38.45 -4.64 1.13
CA GLU C 41 38.82 -5.63 0.13
C GLU C 41 38.74 -7.05 0.68
N ALA C 42 38.91 -7.23 1.99
CA ALA C 42 38.83 -8.57 2.57
C ALA C 42 37.40 -9.04 2.79
N HIS C 43 36.41 -8.17 2.53
CA HIS C 43 35.01 -8.55 2.64
C HIS C 43 34.25 -8.32 1.34
N ALA C 44 34.95 -8.00 0.25
CA ALA C 44 34.30 -7.85 -1.05
C ALA C 44 33.81 -9.17 -1.62
N LYS C 45 34.29 -10.29 -1.11
CA LYS C 45 33.86 -11.61 -1.53
C LYS C 45 32.63 -12.10 -0.77
N GLU C 46 32.16 -11.33 0.23
CA GLU C 46 31.02 -11.72 1.04
C GLU C 46 29.97 -10.61 1.06
N ASP C 47 29.92 -9.80 0.02
CA ASP C 47 28.97 -8.68 -0.06
C ASP C 47 28.10 -8.85 -1.29
N PRO C 48 26.84 -9.26 -1.12
CA PRO C 48 25.95 -9.48 -2.28
C PRO C 48 25.53 -8.23 -3.03
N LEU C 49 25.98 -7.03 -2.65
CA LEU C 49 25.59 -5.81 -3.36
C LEU C 49 26.62 -5.34 -4.38
N LEU C 50 27.92 -5.49 -4.09
CA LEU C 50 28.94 -5.23 -5.11
C LEU C 50 28.76 -6.15 -6.32
N THR C 51 28.86 -7.46 -6.11
CA THR C 51 28.69 -8.43 -7.18
C THR C 51 27.30 -9.02 -7.13
N PRO C 52 26.47 -8.81 -8.16
CA PRO C 52 25.10 -9.35 -8.16
C PRO C 52 25.11 -10.87 -8.08
N VAL C 53 24.56 -11.39 -6.99
CA VAL C 53 24.54 -12.82 -6.69
C VAL C 53 23.63 -13.50 -7.72
N PRO C 54 23.93 -14.72 -8.16
CA PRO C 54 23.00 -15.44 -9.02
C PRO C 54 21.70 -15.77 -8.31
N ALA C 55 20.65 -15.91 -9.10
CA ALA C 55 19.26 -16.03 -8.62
C ALA C 55 18.94 -17.28 -7.80
N SER C 56 19.91 -18.16 -7.55
CA SER C 56 19.61 -19.28 -6.67
C SER C 56 19.79 -18.93 -5.20
N GLU C 57 20.95 -18.37 -4.83
CA GLU C 57 21.14 -17.95 -3.44
C GLU C 57 20.26 -16.77 -3.09
N ASN C 58 19.95 -15.91 -4.06
CA ASN C 58 19.10 -14.76 -3.86
C ASN C 58 17.69 -15.20 -3.46
N PRO C 59 17.19 -14.79 -2.30
CA PRO C 59 15.87 -15.25 -1.87
C PRO C 59 14.70 -14.37 -2.32
N PHE C 60 14.94 -13.45 -3.24
CA PHE C 60 13.89 -12.57 -3.73
C PHE C 60 13.49 -12.94 -5.16
N ASP D 1 -3.77 -16.98 32.96
CA ASP D 1 -3.14 -16.96 31.66
C ASP D 1 -4.09 -17.45 30.57
N VAL D 2 -3.53 -18.06 29.53
CA VAL D 2 -4.35 -18.62 28.45
C VAL D 2 -5.16 -19.79 28.99
N GLN D 3 -6.45 -19.82 28.65
CA GLN D 3 -7.35 -20.83 29.18
C GLN D 3 -8.31 -21.30 28.09
N LEU D 4 -8.37 -22.62 27.91
CA LEU D 4 -9.31 -23.24 27.00
C LEU D 4 -10.05 -24.33 27.76
N VAL D 5 -11.36 -24.19 27.89
CA VAL D 5 -12.21 -25.17 28.57
C VAL D 5 -13.37 -25.49 27.63
N GLU D 6 -13.80 -26.75 27.66
CA GLU D 6 -14.87 -27.23 26.81
C GLU D 6 -16.12 -27.53 27.64
N SER D 7 -17.16 -28.00 26.96
CA SER D 7 -18.42 -28.35 27.58
C SER D 7 -18.96 -29.57 26.85
N GLY D 8 -20.21 -29.92 27.12
CA GLY D 8 -20.80 -31.08 26.48
C GLY D 8 -20.16 -32.37 26.98
N GLY D 9 -20.30 -33.41 26.16
CA GLY D 9 -19.65 -34.66 26.46
C GLY D 9 -20.62 -35.72 26.93
N GLY D 10 -20.18 -36.56 27.86
CA GLY D 10 -21.05 -37.59 28.39
C GLY D 10 -21.36 -38.67 27.36
N LEU D 11 -22.54 -39.26 27.50
CA LEU D 11 -23.00 -40.32 26.61
C LEU D 11 -24.15 -39.82 25.75
N VAL D 12 -24.13 -40.20 24.48
CA VAL D 12 -25.16 -39.80 23.53
C VAL D 12 -25.69 -41.03 22.81
N GLN D 13 -26.64 -40.79 21.88
CA GLN D 13 -27.24 -41.78 21.01
C GLN D 13 -26.60 -41.70 19.62
N PRO D 14 -26.25 -42.83 19.01
CA PRO D 14 -25.67 -42.81 17.66
C PRO D 14 -26.64 -42.23 16.63
N GLY D 15 -26.08 -41.46 15.70
CA GLY D 15 -26.86 -40.80 14.68
C GLY D 15 -27.46 -39.46 15.09
N GLY D 16 -27.43 -39.10 16.36
CA GLY D 16 -28.02 -37.86 16.82
C GLY D 16 -27.21 -36.61 16.48
N SER D 17 -27.42 -35.55 17.27
CA SER D 17 -26.76 -34.27 17.06
C SER D 17 -26.19 -33.80 18.39
N ARG D 18 -25.08 -33.07 18.32
CA ARG D 18 -24.44 -32.56 19.53
C ARG D 18 -23.53 -31.39 19.21
N LYS D 19 -23.85 -30.21 19.75
CA LYS D 19 -23.02 -29.03 19.60
C LYS D 19 -22.02 -29.00 20.74
N LEU D 20 -20.76 -29.33 20.46
CA LEU D 20 -19.69 -29.26 21.44
C LEU D 20 -19.17 -27.84 21.47
N SER D 21 -19.01 -27.29 22.66
CA SER D 21 -18.60 -25.89 22.80
C SER D 21 -17.29 -25.79 23.56
N CYS D 22 -16.40 -24.94 23.05
CA CYS D 22 -15.08 -24.67 23.61
C CYS D 22 -15.02 -23.19 23.98
N SER D 23 -14.81 -22.91 25.27
CA SER D 23 -14.66 -21.53 25.69
C SER D 23 -13.23 -21.07 25.42
N ALA D 24 -13.00 -19.77 25.60
CA ALA D 24 -11.67 -19.21 25.38
C ALA D 24 -11.58 -17.90 26.16
N SER D 25 -10.73 -17.89 27.18
CA SER D 25 -10.49 -16.69 27.98
C SER D 25 -9.00 -16.51 28.13
N GLY D 26 -8.52 -15.30 27.86
CA GLY D 26 -7.13 -14.97 28.09
C GLY D 26 -6.26 -14.79 26.86
N PHE D 27 -6.83 -14.65 25.67
CA PHE D 27 -6.02 -14.37 24.49
C PHE D 27 -6.88 -13.72 23.43
N ALA D 28 -6.21 -13.26 22.36
CA ALA D 28 -6.88 -12.64 21.22
C ALA D 28 -7.49 -13.74 20.37
N PHE D 29 -8.67 -14.20 20.81
CA PHE D 29 -9.39 -15.28 20.13
C PHE D 29 -9.75 -14.92 18.69
N SER D 30 -9.85 -13.63 18.37
CA SER D 30 -10.25 -13.20 17.04
C SER D 30 -9.22 -13.54 15.96
N SER D 31 -7.97 -13.81 16.33
CA SER D 31 -6.91 -14.03 15.34
C SER D 31 -6.15 -15.31 15.64
N PHE D 32 -6.88 -16.39 15.93
CA PHE D 32 -6.33 -17.72 16.19
C PHE D 32 -7.08 -18.75 15.36
N GLY D 33 -6.40 -19.30 14.36
CA GLY D 33 -6.92 -20.44 13.63
C GLY D 33 -6.97 -21.63 14.55
N MET D 34 -8.17 -22.02 14.97
CA MET D 34 -8.33 -23.07 15.95
C MET D 34 -8.48 -24.42 15.24
N HIS D 35 -8.26 -25.48 16.00
CA HIS D 35 -8.36 -26.85 15.51
C HIS D 35 -9.23 -27.64 16.46
N TRP D 36 -9.50 -28.89 16.08
CA TRP D 36 -10.10 -29.86 16.96
C TRP D 36 -9.41 -31.20 16.71
N VAL D 37 -9.22 -31.96 17.78
CA VAL D 37 -8.50 -33.23 17.68
C VAL D 37 -9.21 -34.30 18.51
N ARG D 38 -9.35 -35.48 17.91
CA ARG D 38 -9.91 -36.66 18.54
C ARG D 38 -8.83 -37.46 19.27
N GLN D 39 -9.25 -38.13 20.34
CA GLN D 39 -8.36 -39.06 21.06
C GLN D 39 -9.22 -40.22 21.55
N ALA D 40 -9.16 -41.34 20.84
CA ALA D 40 -9.87 -42.53 21.28
C ALA D 40 -9.22 -43.08 22.53
N PRO D 41 -10.01 -43.67 23.45
CA PRO D 41 -9.48 -44.05 24.78
C PRO D 41 -8.38 -45.12 24.79
N GLU D 42 -8.01 -45.68 23.64
CA GLU D 42 -6.99 -46.72 23.62
C GLU D 42 -5.97 -46.56 22.50
N LYS D 43 -5.99 -45.46 21.75
CA LYS D 43 -5.04 -45.27 20.66
C LYS D 43 -4.71 -43.78 20.56
N GLY D 44 -4.06 -43.39 19.47
CA GLY D 44 -3.49 -42.06 19.34
C GLY D 44 -4.46 -41.04 18.80
N LEU D 45 -3.93 -39.83 18.59
CA LEU D 45 -4.70 -38.68 18.16
C LEU D 45 -5.05 -38.73 16.68
N GLU D 46 -6.07 -37.98 16.31
CA GLU D 46 -6.46 -37.81 14.92
C GLU D 46 -7.12 -36.45 14.75
N TRP D 47 -6.72 -35.73 13.70
CA TRP D 47 -7.24 -34.40 13.43
C TRP D 47 -8.72 -34.44 13.05
N VAL D 48 -9.49 -33.53 13.63
CA VAL D 48 -10.92 -33.45 13.35
C VAL D 48 -11.20 -32.42 12.27
N ALA D 49 -10.90 -31.16 12.55
CA ALA D 49 -11.25 -30.05 11.65
C ALA D 49 -10.54 -28.78 12.09
N TYR D 50 -10.15 -27.97 11.10
CA TYR D 50 -9.43 -26.72 11.31
C TYR D 50 -10.28 -25.54 10.83
N ILE D 51 -10.28 -24.48 11.63
CA ILE D 51 -10.94 -23.22 11.32
C ILE D 51 -9.90 -22.11 11.37
N SER D 52 -9.93 -21.22 10.39
CA SER D 52 -8.92 -20.19 10.28
C SER D 52 -9.31 -19.00 11.16
N SER D 53 -8.59 -17.88 11.00
CA SER D 53 -8.87 -16.67 11.76
C SER D 53 -9.89 -15.83 11.00
N GLY D 54 -10.90 -15.36 11.71
CA GLY D 54 -12.00 -14.67 11.07
C GLY D 54 -12.85 -15.55 10.18
N SER D 55 -12.81 -16.86 10.38
CA SER D 55 -13.60 -17.86 9.66
C SER D 55 -13.41 -17.81 8.14
N GLY D 56 -12.28 -17.27 7.67
CA GLY D 56 -12.06 -17.12 6.24
C GLY D 56 -11.71 -18.39 5.50
N THR D 57 -11.52 -19.51 6.21
CA THR D 57 -11.11 -20.75 5.59
C THR D 57 -11.52 -21.88 6.52
N ILE D 58 -12.08 -22.95 5.96
CA ILE D 58 -12.56 -24.09 6.73
C ILE D 58 -12.02 -25.36 6.10
N TYR D 59 -11.50 -26.27 6.92
CA TYR D 59 -11.12 -27.61 6.48
C TYR D 59 -11.77 -28.66 7.35
N TYR D 60 -11.70 -29.91 6.90
CA TYR D 60 -12.19 -31.06 7.65
C TYR D 60 -11.31 -32.26 7.32
N ALA D 61 -11.26 -33.21 8.25
CA ALA D 61 -10.72 -34.51 7.93
C ALA D 61 -11.65 -35.22 6.94
N ASP D 62 -11.04 -36.06 6.09
CA ASP D 62 -11.79 -36.75 5.04
C ASP D 62 -12.89 -37.64 5.63
N THR D 63 -12.63 -38.25 6.78
CA THR D 63 -13.61 -39.14 7.41
C THR D 63 -14.77 -38.40 8.06
N VAL D 64 -14.69 -37.07 8.19
CA VAL D 64 -15.72 -36.31 8.88
C VAL D 64 -16.29 -35.18 8.03
N LYS D 65 -15.80 -34.99 6.81
CA LYS D 65 -16.32 -33.96 5.93
C LYS D 65 -17.78 -34.25 5.58
N GLY D 66 -18.61 -33.20 5.64
CA GLY D 66 -20.03 -33.34 5.36
C GLY D 66 -20.85 -33.88 6.52
N ARG D 67 -20.25 -34.08 7.69
CA ARG D 67 -20.99 -34.49 8.87
C ARG D 67 -20.92 -33.50 10.03
N PHE D 68 -19.93 -32.61 10.06
CA PHE D 68 -19.71 -31.68 11.15
C PHE D 68 -19.75 -30.26 10.60
N THR D 69 -19.59 -29.29 11.50
CA THR D 69 -19.42 -27.89 11.11
C THR D 69 -18.86 -27.09 12.28
N ILE D 70 -17.98 -26.14 11.97
CA ILE D 70 -17.36 -25.27 12.96
C ILE D 70 -17.92 -23.86 12.82
N SER D 71 -18.38 -23.28 13.93
CA SER D 71 -18.83 -21.90 13.97
C SER D 71 -18.07 -21.13 15.05
N ARG D 72 -17.65 -19.91 14.71
CA ARG D 72 -16.92 -19.05 15.64
C ARG D 72 -17.82 -17.94 16.14
N ASP D 73 -17.93 -17.81 17.46
CA ASP D 73 -18.58 -16.67 18.10
C ASP D 73 -17.47 -15.79 18.67
N ASP D 74 -16.91 -14.96 17.79
CA ASP D 74 -15.87 -14.02 18.20
C ASP D 74 -16.29 -13.00 19.26
N PRO D 75 -17.46 -12.33 19.20
CA PRO D 75 -17.79 -11.38 20.29
C PRO D 75 -17.91 -12.02 21.66
N LYS D 76 -18.28 -13.29 21.75
CA LYS D 76 -18.40 -13.96 23.04
C LYS D 76 -17.29 -14.98 23.27
N ASN D 77 -16.32 -15.05 22.36
CA ASN D 77 -15.14 -15.92 22.45
C ASN D 77 -15.51 -17.39 22.70
N THR D 78 -16.20 -17.98 21.74
CA THR D 78 -16.62 -19.36 21.92
C THR D 78 -16.62 -20.08 20.57
N LEU D 79 -16.06 -21.29 20.55
CA LEU D 79 -15.95 -22.07 19.32
C LEU D 79 -16.88 -23.27 19.41
N PHE D 80 -17.75 -23.44 18.41
CA PHE D 80 -18.70 -24.54 18.40
C PHE D 80 -18.35 -25.51 17.29
N LEU D 81 -18.42 -26.80 17.61
CA LEU D 81 -18.42 -27.88 16.62
C LEU D 81 -19.74 -28.62 16.72
N GLN D 82 -20.49 -28.65 15.63
CA GLN D 82 -21.78 -29.31 15.58
C GLN D 82 -21.57 -30.65 14.88
N MET D 83 -21.92 -31.73 15.59
CA MET D 83 -21.78 -33.09 15.09
C MET D 83 -23.15 -33.65 14.78
N THR D 84 -23.27 -34.28 13.61
CA THR D 84 -24.49 -34.91 13.14
C THR D 84 -24.14 -36.28 12.56
N SER D 85 -25.03 -37.26 12.79
CA SER D 85 -24.86 -38.64 12.32
C SER D 85 -23.61 -39.28 12.91
N LEU D 86 -23.53 -39.24 14.24
CA LEU D 86 -22.41 -39.82 14.97
C LEU D 86 -22.51 -41.33 14.95
N ARG D 87 -21.45 -41.99 14.46
CA ARG D 87 -21.41 -43.44 14.43
C ARG D 87 -20.51 -43.96 15.55
N SER D 88 -20.40 -45.30 15.63
CA SER D 88 -19.71 -45.95 16.73
C SER D 88 -18.21 -45.69 16.74
N GLU D 89 -17.61 -45.31 15.62
CA GLU D 89 -16.20 -44.97 15.57
C GLU D 89 -15.93 -43.51 15.93
N ASP D 90 -16.97 -42.72 16.20
CA ASP D 90 -16.83 -41.30 16.46
C ASP D 90 -16.77 -40.98 17.96
N THR D 91 -16.74 -42.00 18.82
CA THR D 91 -16.58 -41.75 20.24
C THR D 91 -15.12 -41.54 20.60
N ALA D 92 -14.84 -40.48 21.35
CA ALA D 92 -13.47 -40.11 21.69
C ALA D 92 -13.49 -38.99 22.73
N MET D 93 -12.30 -38.50 23.06
CA MET D 93 -12.12 -37.28 23.84
C MET D 93 -11.66 -36.20 22.88
N TYR D 94 -12.26 -35.03 22.96
CA TYR D 94 -12.06 -33.96 21.98
C TYR D 94 -11.36 -32.78 22.64
N TYR D 95 -10.30 -32.30 21.99
CA TYR D 95 -9.59 -31.10 22.41
C TYR D 95 -9.72 -30.01 21.35
N CYS D 96 -9.94 -28.78 21.81
CA CYS D 96 -9.91 -27.59 20.96
C CYS D 96 -8.55 -26.93 21.11
N VAL D 97 -7.84 -26.77 20.00
CA VAL D 97 -6.44 -26.35 20.01
C VAL D 97 -6.28 -25.00 19.34
N ARG D 98 -5.81 -24.01 20.08
CA ARG D 98 -5.46 -22.75 19.44
C ARG D 98 -4.17 -22.88 18.64
N SER D 99 -4.03 -22.04 17.62
CA SER D 99 -2.86 -22.03 16.75
C SER D 99 -2.81 -20.76 15.91
N ILE D 100 -1.64 -20.12 15.85
CA ILE D 100 -1.46 -18.89 15.09
C ILE D 100 -0.35 -19.12 14.05
N TYR D 101 -0.62 -18.70 12.82
CA TYR D 101 0.26 -18.97 11.69
C TYR D 101 0.86 -17.67 11.16
N TYR D 102 2.14 -17.46 11.41
CA TYR D 102 2.93 -16.45 10.71
C TYR D 102 4.37 -16.94 10.66
N TYR D 103 5.30 -16.04 10.32
CA TYR D 103 6.71 -16.42 10.26
C TYR D 103 7.29 -16.43 11.67
N GLY D 104 7.79 -17.58 12.09
CA GLY D 104 8.29 -17.75 13.44
C GLY D 104 7.24 -18.05 14.47
N SER D 105 5.98 -18.18 14.07
CA SER D 105 4.93 -18.54 15.00
C SER D 105 4.99 -20.02 15.33
N SER D 106 4.41 -20.38 16.46
CA SER D 106 4.33 -21.77 16.91
C SER D 106 2.87 -22.18 16.98
N PRO D 107 2.34 -22.87 15.98
CA PRO D 107 0.97 -23.38 16.08
C PRO D 107 0.88 -24.47 17.14
N PHE D 108 -0.37 -24.75 17.55
CA PHE D 108 -0.68 -25.72 18.59
C PHE D 108 -0.01 -25.38 19.92
N ASP D 109 0.02 -24.08 20.23
CA ASP D 109 0.65 -23.61 21.47
C ASP D 109 -0.01 -24.21 22.71
N PHE D 110 -1.33 -24.07 22.82
CA PHE D 110 -2.03 -24.41 24.05
C PHE D 110 -3.27 -25.22 23.71
N TRP D 111 -3.44 -26.33 24.40
CA TRP D 111 -4.54 -27.25 24.15
C TRP D 111 -5.50 -27.26 25.33
N GLY D 112 -6.79 -27.34 25.03
CA GLY D 112 -7.79 -27.37 26.07
C GLY D 112 -7.75 -28.65 26.88
N GLN D 113 -8.50 -28.62 27.99
CA GLN D 113 -8.59 -29.80 28.86
C GLN D 113 -9.23 -30.98 28.13
N GLY D 114 -10.23 -30.72 27.31
CA GLY D 114 -10.87 -31.76 26.52
C GLY D 114 -12.10 -32.31 27.19
N THR D 115 -13.04 -32.80 26.38
CA THR D 115 -14.25 -33.41 26.91
C THR D 115 -14.48 -34.77 26.26
N THR D 116 -15.06 -35.69 27.03
CA THR D 116 -15.33 -37.03 26.52
C THR D 116 -16.71 -37.11 25.89
N LEU D 117 -16.79 -37.94 24.84
CA LEU D 117 -18.04 -38.18 24.12
C LEU D 117 -18.12 -39.66 23.81
N THR D 118 -19.14 -40.32 24.35
CA THR D 118 -19.32 -41.77 24.29
C THR D 118 -20.65 -42.06 23.60
N VAL D 119 -20.58 -42.37 22.30
CA VAL D 119 -21.77 -42.89 21.62
C VAL D 119 -22.03 -44.32 22.07
N SER D 120 -23.27 -44.75 21.91
CA SER D 120 -23.64 -46.10 22.29
C SER D 120 -23.10 -47.13 21.29
N SER D 121 -23.37 -48.40 21.56
CA SER D 121 -22.93 -49.48 20.70
C SER D 121 -23.65 -49.47 19.36
N SER D 136 -2.94 -40.87 -0.94
CA SER D 136 -4.07 -40.12 -0.42
C SER D 136 -3.60 -39.00 0.50
N ASP D 137 -3.42 -39.32 1.77
CA ASP D 137 -2.95 -38.38 2.77
C ASP D 137 -1.65 -38.88 3.38
N ILE D 138 -0.82 -37.93 3.82
CA ILE D 138 0.49 -38.26 4.38
C ILE D 138 0.32 -39.10 5.63
N VAL D 139 0.82 -40.33 5.59
CA VAL D 139 0.75 -41.24 6.73
C VAL D 139 2.07 -41.17 7.48
N MET D 140 2.01 -40.76 8.74
CA MET D 140 3.20 -40.57 9.56
C MET D 140 3.40 -41.82 10.41
N THR D 141 4.30 -42.69 9.97
CA THR D 141 4.55 -43.93 10.68
C THR D 141 5.56 -43.72 11.80
N GLN D 142 5.26 -44.31 12.96
CA GLN D 142 6.15 -44.28 14.10
C GLN D 142 7.12 -45.45 14.03
N ALA D 143 7.86 -45.69 15.12
CA ALA D 143 8.83 -46.77 15.18
C ALA D 143 8.43 -47.89 16.13
N THR D 144 7.87 -47.55 17.29
CA THR D 144 7.45 -48.56 18.26
C THR D 144 6.29 -47.99 19.07
N SER D 145 5.95 -48.69 20.15
CA SER D 145 4.91 -48.24 21.07
C SER D 145 5.39 -48.06 22.50
N SER D 146 6.57 -48.57 22.85
CA SER D 146 7.11 -48.41 24.20
C SER D 146 8.61 -48.50 24.15
N VAL D 147 9.27 -47.69 24.98
CA VAL D 147 10.73 -47.70 25.12
C VAL D 147 11.07 -47.67 26.61
N PRO D 148 11.57 -48.78 27.17
CA PRO D 148 11.91 -48.80 28.60
C PRO D 148 13.12 -47.91 28.89
N VAL D 149 12.91 -46.88 29.70
CA VAL D 149 13.93 -45.89 30.02
C VAL D 149 13.98 -45.69 31.53
N THR D 150 15.05 -45.05 31.98
CA THR D 150 15.29 -44.68 33.36
C THR D 150 15.61 -43.20 33.42
N PRO D 151 15.32 -42.53 34.53
CA PRO D 151 15.70 -41.12 34.66
C PRO D 151 17.21 -40.93 34.58
N GLY D 152 17.61 -39.84 33.92
CA GLY D 152 19.01 -39.52 33.78
C GLY D 152 19.62 -39.76 32.41
N GLU D 153 19.26 -40.87 31.76
CA GLU D 153 19.83 -41.17 30.46
C GLU D 153 19.09 -40.43 29.35
N SER D 154 19.53 -40.65 28.12
CA SER D 154 18.96 -40.02 26.94
C SER D 154 17.95 -40.94 26.26
N VAL D 155 17.05 -40.33 25.49
CA VAL D 155 16.04 -41.04 24.72
C VAL D 155 16.07 -40.49 23.30
N SER D 156 15.97 -41.39 22.32
CA SER D 156 16.02 -41.01 20.90
C SER D 156 14.81 -41.61 20.19
N ILE D 157 13.69 -40.89 20.23
CA ILE D 157 12.51 -41.27 19.47
C ILE D 157 12.74 -40.97 18.00
N SER D 158 12.23 -41.84 17.12
CA SER D 158 12.38 -41.68 15.69
C SER D 158 11.00 -41.71 15.03
N CYS D 159 10.89 -41.05 13.88
CA CYS D 159 9.63 -40.95 13.17
C CYS D 159 9.94 -40.78 11.68
N ARG D 160 9.58 -41.77 10.87
CA ARG D 160 9.72 -41.66 9.43
C ARG D 160 8.48 -40.94 8.88
N SER D 161 8.35 -40.90 7.55
CA SER D 161 7.22 -40.24 6.93
C SER D 161 6.88 -40.97 5.63
N SER D 162 6.01 -40.36 4.83
CA SER D 162 5.64 -40.91 3.53
C SER D 162 5.67 -39.86 2.43
N LYS D 163 6.19 -38.66 2.72
CA LYS D 163 6.33 -37.61 1.71
C LYS D 163 7.42 -36.67 2.20
N SER D 164 8.08 -36.02 1.25
CA SER D 164 9.19 -35.11 1.55
C SER D 164 8.63 -33.87 2.23
N LEU D 165 8.74 -33.82 3.55
CA LEU D 165 8.22 -32.69 4.33
C LEU D 165 9.03 -31.41 4.13
N LEU D 166 10.21 -31.49 3.52
CA LEU D 166 11.03 -30.30 3.30
C LEU D 166 10.43 -29.53 2.13
N HIS D 167 9.60 -28.55 2.45
CA HIS D 167 8.99 -27.67 1.45
C HIS D 167 10.07 -26.82 0.78
N SER D 168 9.65 -26.13 -0.29
CA SER D 168 10.58 -25.32 -1.09
C SER D 168 11.22 -24.21 -0.26
N ASN D 169 10.48 -23.63 0.68
CA ASN D 169 11.03 -22.59 1.54
C ASN D 169 12.06 -23.11 2.56
N GLY D 170 12.18 -24.42 2.71
CA GLY D 170 13.29 -24.99 3.46
C GLY D 170 13.08 -25.22 4.94
N ASN D 171 11.83 -25.34 5.40
CA ASN D 171 11.56 -25.73 6.78
C ASN D 171 10.51 -26.83 6.81
N THR D 172 10.90 -28.01 7.26
CA THR D 172 10.00 -29.17 7.29
C THR D 172 8.92 -28.95 8.34
N TYR D 173 7.66 -28.98 7.91
CA TYR D 173 6.52 -28.69 8.78
C TYR D 173 6.12 -29.92 9.62
N LEU D 174 7.09 -30.42 10.39
CA LEU D 174 6.86 -31.53 11.30
C LEU D 174 6.95 -31.05 12.75
N TYR D 175 6.02 -31.52 13.57
CA TYR D 175 5.86 -31.07 14.94
C TYR D 175 6.09 -32.24 15.89
N TRP D 176 5.98 -31.96 17.19
CA TRP D 176 6.06 -32.97 18.24
C TRP D 176 5.20 -32.51 19.40
N PHE D 177 4.79 -33.47 20.23
CA PHE D 177 3.94 -33.17 21.38
C PHE D 177 4.28 -34.12 22.51
N LEU D 178 3.56 -33.98 23.63
CA LEU D 178 3.80 -34.80 24.80
C LEU D 178 2.52 -34.82 25.64
N GLN D 179 1.82 -35.95 25.64
CA GLN D 179 0.57 -36.10 26.39
C GLN D 179 0.87 -36.87 27.67
N ARG D 180 1.18 -36.13 28.74
CA ARG D 180 1.37 -36.73 30.05
C ARG D 180 0.07 -37.35 30.54
N PRO D 181 0.16 -38.46 31.28
CA PRO D 181 -1.06 -39.21 31.67
C PRO D 181 -2.04 -38.36 32.47
N GLY D 182 -3.31 -38.47 32.11
CA GLY D 182 -4.36 -37.67 32.73
C GLY D 182 -4.18 -36.18 32.51
N GLN D 183 -3.66 -35.77 31.37
CA GLN D 183 -3.45 -34.37 31.04
C GLN D 183 -3.74 -34.18 29.56
N SER D 184 -3.44 -32.99 29.05
CA SER D 184 -3.58 -32.65 27.64
C SER D 184 -2.21 -32.41 27.02
N PRO D 185 -1.99 -32.85 25.79
CA PRO D 185 -0.65 -32.68 25.18
C PRO D 185 -0.36 -31.24 24.84
N GLN D 186 0.88 -30.83 25.10
CA GLN D 186 1.37 -29.51 24.72
C GLN D 186 2.53 -29.64 23.75
N LEU D 187 2.73 -28.59 22.96
CA LEU D 187 3.77 -28.57 21.95
C LEU D 187 5.15 -28.61 22.61
N LEU D 188 6.08 -29.33 21.97
CA LEU D 188 7.48 -29.30 22.36
C LEU D 188 8.38 -28.78 21.26
N ILE D 189 8.29 -29.37 20.06
CA ILE D 189 9.12 -29.00 18.92
C ILE D 189 8.20 -28.68 17.76
N TYR D 190 8.36 -27.48 17.19
CA TYR D 190 7.62 -27.09 15.99
C TYR D 190 8.60 -26.81 14.87
N ARG D 191 8.30 -27.35 13.69
CA ARG D 191 9.18 -27.27 12.51
C ARG D 191 10.56 -27.88 12.77
N MET D 192 10.57 -28.94 13.59
CA MET D 192 11.62 -29.95 13.78
C MET D 192 12.88 -29.43 14.45
N SER D 193 12.99 -28.12 14.64
CA SER D 193 14.23 -27.57 15.20
C SER D 193 13.96 -26.62 16.36
N ASN D 194 12.82 -25.95 16.32
CA ASN D 194 12.52 -24.90 17.28
C ASN D 194 12.06 -25.50 18.61
N LEU D 195 11.83 -24.62 19.58
CA LEU D 195 11.39 -25.02 20.92
C LEU D 195 10.15 -24.22 21.30
N ALA D 196 9.19 -24.89 21.92
CA ALA D 196 8.01 -24.21 22.42
C ALA D 196 8.35 -23.38 23.65
N SER D 197 7.77 -22.20 23.75
CA SER D 197 8.07 -21.26 24.83
C SER D 197 7.47 -21.78 26.13
N GLY D 198 8.30 -22.41 26.96
CA GLY D 198 7.87 -22.92 28.24
C GLY D 198 8.36 -24.31 28.54
N VAL D 199 9.18 -24.88 27.65
CA VAL D 199 9.72 -26.21 27.83
C VAL D 199 11.24 -26.12 27.92
N PRO D 200 11.90 -26.99 28.68
CA PRO D 200 13.36 -26.96 28.73
C PRO D 200 14.00 -27.29 27.39
N ASP D 201 15.18 -26.69 27.16
CA ASP D 201 15.99 -26.84 25.94
C ASP D 201 16.66 -28.21 25.81
N ARG D 202 16.38 -29.15 26.71
CA ARG D 202 16.97 -30.49 26.62
C ARG D 202 16.42 -31.26 25.43
N PHE D 203 15.20 -30.96 25.01
CA PHE D 203 14.66 -31.57 23.80
C PHE D 203 15.36 -30.99 22.58
N SER D 204 15.47 -31.82 21.53
CA SER D 204 16.17 -31.41 20.31
C SER D 204 15.72 -32.31 19.18
N GLY D 205 15.07 -31.72 18.17
CA GLY D 205 14.79 -32.46 16.96
C GLY D 205 15.93 -32.40 15.96
N SER D 206 15.88 -33.30 14.99
CA SER D 206 16.91 -33.43 13.97
C SER D 206 16.38 -34.36 12.89
N GLY D 207 17.21 -34.60 11.88
CA GLY D 207 16.89 -35.51 10.79
C GLY D 207 16.80 -34.79 9.46
N SER D 208 16.57 -35.59 8.43
CA SER D 208 16.31 -35.08 7.09
C SER D 208 14.83 -35.22 6.76
N GLY D 209 14.49 -34.92 5.51
CA GLY D 209 13.14 -35.18 5.04
C GLY D 209 12.84 -36.66 5.11
N THR D 210 11.60 -36.98 5.48
CA THR D 210 11.09 -38.32 5.71
C THR D 210 11.82 -39.08 6.80
N ALA D 211 12.68 -38.43 7.59
CA ALA D 211 13.38 -39.14 8.67
C ALA D 211 13.72 -38.15 9.78
N PHE D 212 12.99 -38.23 10.89
CA PHE D 212 13.06 -37.21 11.93
C PHE D 212 13.29 -37.89 13.27
N THR D 213 13.94 -37.16 14.18
CA THR D 213 14.38 -37.73 15.45
C THR D 213 14.26 -36.70 16.55
N LEU D 214 13.71 -37.12 17.69
CA LEU D 214 13.68 -36.32 18.90
C LEU D 214 14.64 -36.93 19.91
N THR D 215 15.37 -36.08 20.63
CA THR D 215 16.43 -36.51 21.53
C THR D 215 16.22 -35.84 22.88
N ILE D 216 15.53 -36.55 23.77
CA ILE D 216 15.31 -36.12 25.15
C ILE D 216 16.62 -36.37 25.91
N SER D 217 17.36 -35.31 26.18
CA SER D 217 18.63 -35.40 26.91
C SER D 217 18.40 -35.23 28.40
N ARG D 218 18.98 -36.15 29.19
CA ARG D 218 18.93 -36.14 30.66
C ARG D 218 17.50 -36.11 31.20
N LEU D 219 16.76 -37.17 30.88
CA LEU D 219 15.37 -37.29 31.27
C LEU D 219 15.22 -37.45 32.79
N GLU D 220 14.13 -36.86 33.32
CA GLU D 220 13.74 -37.10 34.70
C GLU D 220 12.27 -37.53 34.73
N ALA D 221 11.67 -37.60 35.92
CA ALA D 221 10.27 -37.98 36.04
C ALA D 221 9.36 -36.88 35.50
N GLU D 222 8.05 -37.17 35.53
CA GLU D 222 6.94 -36.36 35.02
C GLU D 222 7.04 -36.03 33.54
N ASP D 223 7.91 -36.71 32.80
CA ASP D 223 8.05 -36.57 31.36
C ASP D 223 7.86 -37.90 30.66
N VAL D 224 6.91 -38.70 31.16
CA VAL D 224 6.70 -40.07 30.72
C VAL D 224 5.46 -40.20 29.85
N GLY D 225 4.93 -39.09 29.33
CA GLY D 225 3.77 -39.16 28.49
C GLY D 225 4.11 -39.56 27.05
N VAL D 226 3.05 -39.81 26.28
CA VAL D 226 3.20 -40.24 24.90
C VAL D 226 3.58 -39.07 24.00
N TYR D 227 4.54 -39.29 23.12
CA TYR D 227 5.02 -38.29 22.17
C TYR D 227 4.43 -38.58 20.80
N TYR D 228 3.62 -37.65 20.28
CA TYR D 228 2.89 -37.83 19.03
C TYR D 228 3.59 -37.06 17.92
N CYS D 229 4.26 -37.79 17.02
CA CYS D 229 4.81 -37.20 15.81
C CYS D 229 3.69 -36.68 14.92
N MET D 230 3.85 -35.44 14.43
CA MET D 230 2.83 -34.79 13.60
C MET D 230 3.48 -34.00 12.47
N GLN D 231 2.85 -34.00 11.30
CA GLN D 231 3.24 -33.13 10.20
C GLN D 231 2.17 -32.08 9.96
N HIS D 232 2.56 -31.02 9.26
CA HIS D 232 1.61 -29.94 8.98
C HIS D 232 1.77 -29.39 7.56
N LEU D 233 2.37 -30.15 6.64
CA LEU D 233 2.56 -29.66 5.28
C LEU D 233 1.22 -29.40 4.60
N GLU D 234 0.43 -30.44 4.39
CA GLU D 234 -0.84 -30.30 3.71
C GLU D 234 -1.95 -31.01 4.48
N TYR D 235 -3.14 -30.42 4.43
CA TYR D 235 -4.31 -31.04 5.02
C TYR D 235 -4.71 -32.27 4.20
N PRO D 236 -5.14 -33.36 4.86
CA PRO D 236 -5.34 -33.53 6.30
C PRO D 236 -4.07 -33.84 7.08
N LEU D 237 -3.68 -32.93 7.97
CA LEU D 237 -2.55 -33.17 8.85
C LEU D 237 -2.83 -34.38 9.73
N THR D 238 -1.85 -35.28 9.82
CA THR D 238 -2.02 -36.57 10.46
C THR D 238 -0.99 -36.76 11.56
N PHE D 239 -1.43 -37.26 12.70
CA PHE D 239 -0.56 -37.53 13.83
C PHE D 239 0.15 -38.87 13.62
N GLY D 240 0.81 -39.37 14.67
CA GLY D 240 1.39 -40.69 14.67
C GLY D 240 0.81 -41.53 15.79
N ALA D 241 1.21 -42.80 15.80
CA ALA D 241 0.71 -43.73 16.81
C ALA D 241 1.28 -43.46 18.19
N GLY D 242 2.34 -42.66 18.30
CA GLY D 242 2.92 -42.33 19.59
C GLY D 242 3.81 -43.41 20.17
N THR D 243 4.74 -43.02 21.02
CA THR D 243 5.65 -43.93 21.70
C THR D 243 5.51 -43.71 23.20
N LYS D 244 4.84 -44.63 23.89
CA LYS D 244 4.56 -44.49 25.31
C LYS D 244 5.72 -45.09 26.09
N LEU D 245 6.66 -44.24 26.50
CA LEU D 245 7.79 -44.68 27.30
C LEU D 245 7.38 -44.80 28.76
N GLU D 246 8.02 -45.72 29.47
CA GLU D 246 7.76 -45.96 30.88
C GLU D 246 9.09 -46.26 31.57
N LEU D 247 9.01 -46.74 32.80
CA LEU D 247 10.20 -47.01 33.61
C LEU D 247 10.40 -48.50 33.85
N HIS E 2 -17.88 -4.56 -36.07
CA HIS E 2 -19.05 -4.21 -35.26
C HIS E 2 -20.33 -4.22 -36.08
N HIS E 3 -21.43 -4.55 -35.40
CA HIS E 3 -22.72 -4.83 -36.05
C HIS E 3 -23.31 -3.61 -36.76
N GLY E 4 -22.94 -2.39 -36.35
CA GLY E 4 -23.43 -1.19 -37.01
C GLY E 4 -23.09 -1.12 -38.48
N VAL E 5 -21.99 -1.75 -38.89
CA VAL E 5 -21.66 -1.94 -40.30
C VAL E 5 -21.68 -3.43 -40.63
N THR E 6 -22.66 -3.83 -41.44
CA THR E 6 -22.81 -5.18 -41.93
C THR E 6 -23.16 -5.09 -43.40
N LYS E 7 -22.54 -5.93 -44.22
CA LYS E 7 -22.72 -5.86 -45.65
C LYS E 7 -23.25 -7.16 -46.25
N CYS E 8 -23.64 -8.12 -45.41
CA CYS E 8 -24.14 -9.40 -45.89
C CYS E 8 -25.65 -9.48 -45.68
N ASN E 9 -26.34 -9.99 -46.68
CA ASN E 9 -27.80 -10.07 -46.71
C ASN E 9 -28.26 -11.52 -46.73
N ILE E 10 -27.63 -12.35 -45.90
CA ILE E 10 -27.88 -13.79 -45.90
C ILE E 10 -28.15 -14.27 -44.49
N THR E 11 -28.88 -15.38 -44.39
CA THR E 11 -29.24 -16.04 -43.13
C THR E 11 -29.15 -17.55 -43.25
N CYS E 12 -28.25 -18.05 -44.10
CA CYS E 12 -28.20 -19.48 -44.39
C CYS E 12 -27.87 -20.29 -43.14
N SER E 13 -28.83 -21.12 -42.72
CA SER E 13 -28.66 -22.05 -41.62
C SER E 13 -28.75 -23.50 -42.06
N LYS E 14 -29.76 -23.84 -42.85
CA LYS E 14 -29.94 -25.17 -43.41
C LYS E 14 -30.01 -25.02 -44.92
N MET E 15 -29.29 -25.88 -45.63
CA MET E 15 -29.18 -25.79 -47.08
C MET E 15 -30.06 -26.83 -47.77
N THR E 16 -30.57 -26.45 -48.94
CA THR E 16 -31.62 -27.21 -49.61
C THR E 16 -31.06 -28.47 -50.27
N SER E 17 -31.93 -29.19 -50.95
CA SER E 17 -31.59 -30.43 -51.64
C SER E 17 -31.39 -30.16 -53.13
N LYS E 18 -31.29 -31.23 -53.91
CA LYS E 18 -31.14 -31.11 -55.36
C LYS E 18 -32.38 -30.50 -55.99
N ILE E 19 -32.16 -29.58 -56.93
CA ILE E 19 -33.22 -28.81 -57.57
C ILE E 19 -33.03 -28.91 -59.08
N PRO E 20 -34.10 -28.99 -59.88
CA PRO E 20 -33.95 -28.90 -61.35
C PRO E 20 -33.32 -27.59 -61.76
N VAL E 21 -32.20 -27.69 -62.48
CA VAL E 21 -31.41 -26.53 -62.89
C VAL E 21 -32.18 -25.62 -63.84
N ALA E 22 -32.94 -26.21 -64.77
CA ALA E 22 -33.71 -25.41 -65.73
C ALA E 22 -34.77 -24.56 -65.03
N LEU E 23 -35.30 -25.03 -63.90
CA LEU E 23 -36.23 -24.24 -63.12
C LEU E 23 -35.55 -22.99 -62.56
N LEU E 24 -34.31 -23.14 -62.09
CA LEU E 24 -33.53 -22.03 -61.53
C LEU E 24 -33.04 -21.15 -62.66
N ILE E 25 -33.82 -20.12 -62.97
CA ILE E 25 -33.51 -19.21 -64.07
C ILE E 25 -32.23 -18.41 -63.78
N HIS E 26 -32.07 -17.94 -62.54
CA HIS E 26 -30.92 -17.12 -62.21
C HIS E 26 -30.37 -17.45 -60.83
N TYR E 27 -29.13 -17.01 -60.61
CA TYR E 27 -28.48 -17.13 -59.32
C TYR E 27 -27.47 -16.00 -59.17
N GLN E 28 -27.09 -15.73 -57.92
CA GLN E 28 -26.09 -14.71 -57.63
C GLN E 28 -25.22 -15.20 -56.49
N GLN E 29 -23.99 -14.70 -56.43
CA GLN E 29 -23.13 -15.00 -55.31
C GLN E 29 -23.53 -14.09 -54.14
N ASN E 30 -22.87 -14.20 -52.99
CA ASN E 30 -23.27 -13.41 -51.84
C ASN E 30 -22.10 -12.61 -51.26
N GLN E 31 -22.46 -11.51 -50.61
CA GLN E 31 -21.47 -10.66 -49.94
C GLN E 31 -20.93 -11.42 -48.75
N ALA E 32 -19.70 -11.93 -48.87
CA ALA E 32 -19.08 -12.74 -47.84
C ALA E 32 -18.45 -11.84 -46.77
N SER E 33 -19.32 -11.11 -46.08
CA SER E 33 -18.92 -10.23 -45.00
C SER E 33 -19.34 -10.73 -43.63
N CYS E 34 -19.97 -11.91 -43.58
CA CYS E 34 -20.27 -12.57 -42.31
C CYS E 34 -20.02 -14.07 -42.41
N GLY E 35 -18.94 -14.45 -43.09
CA GLY E 35 -18.43 -15.81 -43.09
C GLY E 35 -19.03 -16.84 -44.02
N LYS E 36 -20.36 -16.87 -44.15
CA LYS E 36 -21.03 -17.92 -44.92
C LYS E 36 -20.98 -17.60 -46.41
N ARG E 37 -19.84 -17.90 -47.02
CA ARG E 37 -19.67 -17.75 -48.46
C ARG E 37 -20.51 -18.79 -49.19
N ALA E 38 -21.64 -18.38 -49.75
CA ALA E 38 -22.58 -19.30 -50.37
C ALA E 38 -23.11 -18.68 -51.66
N ILE E 39 -24.14 -19.29 -52.24
CA ILE E 39 -24.80 -18.78 -53.45
C ILE E 39 -26.29 -18.69 -53.20
N ILE E 40 -26.88 -17.54 -53.54
CA ILE E 40 -28.30 -17.31 -53.36
C ILE E 40 -28.93 -17.37 -54.76
N LEU E 41 -29.71 -18.42 -55.01
CA LEU E 41 -30.33 -18.67 -56.29
C LEU E 41 -31.83 -18.41 -56.26
N GLU E 42 -32.39 -17.97 -57.39
CA GLU E 42 -33.81 -17.75 -57.48
C GLU E 42 -34.48 -18.79 -58.37
N THR E 43 -35.74 -19.10 -58.04
CA THR E 43 -36.53 -20.06 -58.80
C THR E 43 -37.17 -19.39 -60.01
N ARG E 44 -38.04 -20.13 -60.71
CA ARG E 44 -38.83 -19.55 -61.79
C ARG E 44 -39.77 -18.46 -61.27
N GLN E 45 -40.45 -18.73 -60.16
CA GLN E 45 -41.39 -17.80 -59.57
C GLN E 45 -40.74 -16.85 -58.58
N HIS E 46 -39.42 -16.69 -58.67
CA HIS E 46 -38.62 -15.73 -57.91
C HIS E 46 -38.71 -15.96 -56.39
N ARG E 47 -38.33 -17.17 -55.97
CA ARG E 47 -38.13 -17.47 -54.56
C ARG E 47 -36.66 -17.80 -54.33
N LEU E 48 -36.10 -17.25 -53.27
CA LEU E 48 -34.66 -17.21 -53.05
C LEU E 48 -34.27 -18.35 -52.11
N PHE E 49 -33.28 -19.14 -52.53
CA PHE E 49 -32.80 -20.30 -51.78
C PHE E 49 -31.27 -20.32 -51.75
N CYS E 50 -30.73 -20.63 -50.59
CA CYS E 50 -29.28 -20.66 -50.37
C CYS E 50 -28.72 -22.02 -50.80
N ALA E 51 -27.45 -22.02 -51.21
CA ALA E 51 -26.81 -23.25 -51.64
C ALA E 51 -25.30 -23.19 -51.48
N ASP E 52 -24.73 -24.38 -51.28
CA ASP E 52 -23.29 -24.58 -51.15
C ASP E 52 -22.57 -24.43 -52.50
N PRO E 53 -21.34 -23.94 -52.51
CA PRO E 53 -20.56 -23.87 -53.75
C PRO E 53 -19.97 -25.19 -54.22
N LYS E 54 -20.32 -26.33 -53.62
CA LYS E 54 -19.88 -27.60 -54.17
C LYS E 54 -20.58 -27.92 -55.48
N GLU E 55 -21.82 -27.47 -55.64
CA GLU E 55 -22.64 -27.83 -56.80
C GLU E 55 -22.06 -27.21 -58.06
N GLN E 56 -21.49 -28.04 -58.93
CA GLN E 56 -21.02 -27.59 -60.24
C GLN E 56 -22.15 -27.26 -61.22
N TRP E 57 -23.41 -27.43 -60.81
CA TRP E 57 -24.54 -27.16 -61.72
C TRP E 57 -24.60 -25.71 -62.12
N VAL E 58 -24.22 -24.80 -61.20
CA VAL E 58 -24.24 -23.36 -61.50
C VAL E 58 -23.26 -23.05 -62.63
N LYS E 59 -22.21 -23.88 -62.76
CA LYS E 59 -21.28 -23.76 -63.87
C LYS E 59 -22.02 -23.87 -65.19
N ASP E 60 -22.81 -24.95 -65.34
CA ASP E 60 -23.57 -25.15 -66.57
C ASP E 60 -24.57 -24.02 -66.74
N ALA E 61 -25.05 -23.47 -65.61
CA ALA E 61 -25.95 -22.32 -65.64
C ALA E 61 -25.35 -21.17 -66.40
N MET E 62 -24.06 -20.91 -66.18
CA MET E 62 -23.40 -19.76 -66.80
C MET E 62 -23.46 -19.82 -68.33
N GLN E 63 -23.27 -21.01 -68.95
CA GLN E 63 -23.35 -21.00 -70.42
C GLN E 63 -24.76 -20.67 -70.88
N HIS E 64 -25.80 -21.20 -70.23
CA HIS E 64 -27.10 -20.80 -70.76
C HIS E 64 -27.48 -19.43 -70.24
N LEU E 65 -26.76 -18.92 -69.24
CA LEU E 65 -26.85 -17.50 -68.92
C LEU E 65 -26.23 -16.68 -70.05
N ASP E 66 -25.10 -17.15 -70.59
CA ASP E 66 -24.47 -16.45 -71.71
C ASP E 66 -25.27 -16.63 -72.99
N ARG E 67 -25.74 -17.84 -73.26
CA ARG E 67 -26.54 -18.10 -74.45
C ARG E 67 -27.95 -17.52 -74.37
N GLN E 68 -28.39 -17.10 -73.18
CA GLN E 68 -29.72 -16.52 -73.03
C GLN E 68 -29.77 -15.59 -71.81
N ASP F 23 -42.70 -26.75 -58.39
CA ASP F 23 -43.40 -27.99 -58.03
C ASP F 23 -43.29 -28.32 -56.54
N TYR F 24 -42.18 -27.93 -55.92
CA TYR F 24 -41.99 -28.11 -54.49
C TYR F 24 -40.94 -27.12 -54.00
N ASP F 25 -40.92 -26.92 -52.70
CA ASP F 25 -39.96 -26.02 -52.06
C ASP F 25 -39.40 -26.70 -50.82
N GLU F 26 -38.65 -25.94 -50.03
CA GLU F 26 -38.04 -26.42 -48.80
C GLU F 26 -38.54 -25.59 -47.62
N ASP F 27 -37.98 -25.89 -46.44
CA ASP F 27 -38.40 -25.23 -45.21
C ASP F 27 -37.55 -24.01 -44.85
N ALA F 28 -36.23 -24.11 -45.02
CA ALA F 28 -35.33 -23.03 -44.65
C ALA F 28 -34.92 -22.26 -45.89
N THR F 29 -35.20 -20.96 -45.88
CA THR F 29 -34.88 -20.05 -46.97
C THR F 29 -34.21 -18.80 -46.44
N PRO F 30 -33.28 -18.21 -47.19
CA PRO F 30 -32.64 -16.96 -46.71
C PRO F 30 -33.59 -15.78 -46.82
N CYS F 31 -33.49 -14.89 -45.84
CA CYS F 31 -34.28 -13.66 -45.77
C CYS F 31 -33.36 -12.45 -45.91
N VAL F 32 -33.48 -11.76 -47.05
CA VAL F 32 -32.56 -10.69 -47.43
C VAL F 32 -32.71 -9.49 -46.50
N PHE F 33 -31.63 -8.71 -46.37
CA PHE F 33 -31.55 -7.57 -45.48
C PHE F 33 -31.46 -6.23 -46.22
N THR F 34 -31.85 -6.19 -47.50
CA THR F 34 -31.73 -4.95 -48.26
C THR F 34 -32.60 -3.84 -47.69
N ASP F 35 -33.82 -4.18 -47.24
CA ASP F 35 -34.73 -3.16 -46.72
C ASP F 35 -34.21 -2.52 -45.43
N VAL F 36 -33.78 -3.35 -44.46
CA VAL F 36 -33.34 -2.83 -43.17
C VAL F 36 -32.03 -2.07 -43.33
N LEU F 37 -31.11 -2.59 -44.16
CA LEU F 37 -29.86 -1.87 -44.43
C LEU F 37 -30.11 -0.54 -45.12
N ASN F 38 -31.01 -0.51 -46.10
CA ASN F 38 -31.25 0.73 -46.84
C ASN F 38 -32.02 1.74 -46.00
N GLN F 39 -32.77 1.28 -45.00
CA GLN F 39 -33.36 2.22 -44.06
C GLN F 39 -32.35 2.70 -43.02
N SER F 40 -31.44 1.83 -42.58
CA SER F 40 -30.50 2.18 -41.54
C SER F 40 -29.30 3.00 -42.00
N LYS F 41 -28.88 2.92 -43.27
CA LYS F 41 -27.72 3.72 -43.70
C LYS F 41 -27.85 5.23 -43.49
N PRO F 42 -28.97 5.90 -43.81
CA PRO F 42 -29.02 7.36 -43.52
C PRO F 42 -28.85 7.71 -42.05
N VAL F 43 -29.49 6.97 -41.14
CA VAL F 43 -29.41 7.33 -39.73
C VAL F 43 -28.02 7.04 -39.17
N THR F 44 -27.37 5.95 -39.59
CA THR F 44 -26.03 5.68 -39.11
C THR F 44 -25.02 6.66 -39.69
N LEU F 45 -25.21 7.08 -40.95
CA LEU F 45 -24.35 8.11 -41.53
C LEU F 45 -24.48 9.42 -40.77
N PHE F 46 -25.73 9.83 -40.49
CA PHE F 46 -25.95 11.08 -39.75
C PHE F 46 -25.37 11.00 -38.35
N LEU F 47 -25.55 9.87 -37.67
CA LEU F 47 -25.01 9.72 -36.33
C LEU F 47 -23.49 9.70 -36.33
N TYR F 48 -22.87 9.01 -37.30
CA TYR F 48 -21.42 9.05 -37.43
C TYR F 48 -20.90 10.46 -37.65
N GLY F 49 -21.57 11.21 -38.53
CA GLY F 49 -21.14 12.58 -38.78
C GLY F 49 -21.25 13.47 -37.56
N VAL F 50 -22.40 13.44 -36.88
CA VAL F 50 -22.59 14.31 -35.72
C VAL F 50 -21.69 13.89 -34.57
N VAL F 51 -21.43 12.59 -34.39
CA VAL F 51 -20.55 12.15 -33.32
C VAL F 51 -19.10 12.52 -33.63
N PHE F 52 -18.69 12.41 -34.90
CA PHE F 52 -17.35 12.88 -35.29
C PHE F 52 -17.20 14.37 -35.00
N LEU F 53 -18.21 15.16 -35.38
CA LEU F 53 -18.15 16.61 -35.17
C LEU F 53 -18.09 16.96 -33.69
N PHE F 54 -19.02 16.41 -32.90
CA PHE F 54 -19.09 16.75 -31.48
C PHE F 54 -17.89 16.22 -30.72
N GLY F 55 -17.43 15.01 -31.05
CA GLY F 55 -16.23 14.46 -30.41
C GLY F 55 -15.00 15.28 -30.71
N SER F 56 -14.82 15.70 -31.96
CA SER F 56 -13.68 16.55 -32.30
C SER F 56 -13.75 17.89 -31.56
N ILE F 57 -14.90 18.58 -31.64
CA ILE F 57 -15.01 19.90 -31.02
C ILE F 57 -15.16 19.84 -29.51
N GLY F 58 -15.25 18.65 -28.92
CA GLY F 58 -15.31 18.56 -27.48
C GLY F 58 -14.12 17.83 -26.90
N ASN F 59 -13.25 17.30 -27.74
CA ASN F 59 -12.01 16.71 -27.26
C ASN F 59 -10.76 17.50 -27.63
N PHE F 60 -10.73 18.13 -28.81
CA PHE F 60 -9.66 19.05 -29.20
C PHE F 60 -9.55 20.25 -28.26
N LEU F 61 -10.64 20.57 -27.58
CA LEU F 61 -10.72 21.66 -26.62
C LEU F 61 -10.22 21.18 -25.27
N VAL F 62 -10.73 20.03 -24.79
CA VAL F 62 -10.32 19.54 -23.49
C VAL F 62 -8.83 19.24 -23.50
N ILE F 63 -8.31 18.56 -24.54
CA ILE F 63 -6.87 18.30 -24.57
C ILE F 63 -6.08 19.61 -24.58
N PHE F 64 -6.53 20.64 -25.32
CA PHE F 64 -5.80 21.92 -25.24
C PHE F 64 -5.80 22.53 -23.83
N THR F 65 -6.98 22.72 -23.24
CA THR F 65 -7.10 23.45 -21.97
C THR F 65 -6.33 22.83 -20.81
N ILE F 66 -6.24 21.50 -20.75
CA ILE F 66 -5.61 20.85 -19.60
C ILE F 66 -4.17 20.42 -19.88
N THR F 67 -3.65 20.69 -21.08
CA THR F 67 -2.25 20.40 -21.36
C THR F 67 -1.44 21.65 -21.66
N TRP F 68 -1.93 22.52 -22.55
CA TRP F 68 -1.16 23.67 -23.02
C TRP F 68 -0.77 24.60 -21.86
N ARG F 69 -1.63 24.76 -20.87
CA ARG F 69 -1.35 25.72 -19.81
C ARG F 69 -0.84 25.05 -18.53
N ARG F 70 -1.72 24.33 -17.83
CA ARG F 70 -1.35 23.77 -16.52
C ARG F 70 -0.25 22.71 -16.63
N ARG F 71 -0.05 22.12 -17.81
CA ARG F 71 0.91 21.06 -18.08
C ARG F 71 0.77 19.84 -17.16
N ILE F 72 -0.42 19.22 -17.21
CA ILE F 72 -0.72 17.95 -16.52
C ILE F 72 -0.41 17.98 -15.03
N GLN F 73 -1.01 18.94 -14.32
CA GLN F 73 -0.68 19.17 -12.91
C GLN F 73 -0.99 17.97 -12.01
N CYS F 74 -2.08 17.24 -12.26
CA CYS F 74 -2.49 16.20 -11.30
C CYS F 74 -2.73 14.85 -11.97
N SER F 75 -3.13 13.89 -11.13
CA SER F 75 -3.55 12.55 -11.58
C SER F 75 -4.75 12.64 -12.49
N GLY F 76 -5.87 13.14 -11.95
CA GLY F 76 -7.16 13.29 -12.60
C GLY F 76 -6.97 13.85 -13.99
N ASP F 77 -6.02 14.78 -14.11
CA ASP F 77 -5.71 15.38 -15.40
C ASP F 77 -5.16 14.32 -16.35
N VAL F 78 -4.29 13.43 -15.86
CA VAL F 78 -3.68 12.41 -16.72
C VAL F 78 -4.76 11.49 -17.25
N TYR F 79 -5.73 11.16 -16.38
CA TYR F 79 -6.84 10.34 -16.82
C TYR F 79 -7.73 11.07 -17.82
N PHE F 80 -8.06 12.33 -17.55
CA PHE F 80 -8.89 13.12 -18.48
C PHE F 80 -8.24 13.24 -19.85
N ILE F 81 -6.93 13.49 -19.88
CA ILE F 81 -6.16 13.52 -21.13
C ILE F 81 -6.26 12.19 -21.87
N ASN F 82 -6.04 11.08 -21.18
CA ASN F 82 -6.03 9.81 -21.89
C ASN F 82 -7.43 9.36 -22.31
N LEU F 83 -8.45 9.68 -21.52
CA LEU F 83 -9.83 9.43 -21.92
C LEU F 83 -10.20 10.27 -23.14
N ALA F 84 -9.78 11.54 -23.16
CA ALA F 84 -10.03 12.39 -24.31
C ALA F 84 -9.30 11.89 -25.55
N ALA F 85 -8.08 11.40 -25.38
CA ALA F 85 -7.35 10.83 -26.51
C ALA F 85 -8.03 9.58 -27.05
N ALA F 86 -8.54 8.72 -26.15
CA ALA F 86 -9.29 7.54 -26.58
C ALA F 86 -10.56 7.93 -27.33
N ASP F 87 -11.30 8.92 -26.81
CA ASP F 87 -12.49 9.39 -27.50
C ASP F 87 -12.15 10.02 -28.85
N LEU F 88 -11.02 10.73 -28.92
CA LEU F 88 -10.61 11.37 -30.17
C LEU F 88 -10.24 10.33 -31.22
N LEU F 89 -9.51 9.29 -30.85
CA LEU F 89 -9.23 8.20 -31.78
C LEU F 89 -10.51 7.49 -32.21
N PHE F 90 -11.42 7.25 -31.25
CA PHE F 90 -12.70 6.62 -31.56
C PHE F 90 -13.47 7.41 -32.61
N VAL F 91 -13.56 8.73 -32.42
CA VAL F 91 -14.32 9.54 -33.37
C VAL F 91 -13.54 9.79 -34.65
N CYS F 92 -12.21 9.68 -34.64
CA CYS F 92 -11.42 9.84 -35.85
C CYS F 92 -11.41 8.59 -36.70
N THR F 93 -11.80 7.45 -36.14
CA THR F 93 -12.06 6.27 -36.98
C THR F 93 -13.38 6.40 -37.74
N LEU F 94 -14.35 7.11 -37.16
CA LEU F 94 -15.67 7.24 -37.80
C LEU F 94 -15.72 7.82 -39.22
N PRO F 95 -14.98 8.87 -39.59
CA PRO F 95 -15.07 9.32 -41.00
C PRO F 95 -14.64 8.29 -42.02
N LEU F 96 -13.63 7.46 -41.71
CA LEU F 96 -13.26 6.38 -42.62
C LEU F 96 -14.40 5.38 -42.77
N TRP F 97 -15.07 5.05 -41.67
CA TRP F 97 -16.18 4.11 -41.75
C TRP F 97 -17.35 4.68 -42.55
N MET F 98 -17.70 5.96 -42.33
CA MET F 98 -18.84 6.51 -43.05
C MET F 98 -18.51 6.74 -44.52
N GLN F 99 -17.24 7.00 -44.85
CA GLN F 99 -16.82 7.10 -46.23
C GLN F 99 -16.61 5.74 -46.87
N TYR F 100 -16.64 4.66 -46.08
CA TYR F 100 -16.51 3.32 -46.62
C TYR F 100 -17.85 2.63 -46.86
N LEU F 101 -18.80 2.79 -45.94
CA LEU F 101 -20.10 2.13 -46.06
C LEU F 101 -20.99 2.72 -47.15
N LEU F 102 -20.60 3.79 -47.82
CA LEU F 102 -21.38 4.32 -48.93
C LEU F 102 -21.09 3.60 -50.25
N ASP F 103 -21.19 2.27 -50.22
CA ASP F 103 -20.95 1.39 -51.39
C ASP F 103 -19.60 1.64 -52.03
N HIS F 104 -18.58 1.86 -51.18
CA HIS F 104 -17.20 2.03 -51.63
C HIS F 104 -16.44 0.73 -51.39
N ASN F 105 -16.69 -0.24 -52.28
CA ASN F 105 -15.94 -1.49 -52.28
C ASN F 105 -14.95 -1.60 -53.43
N SER F 106 -15.24 -0.98 -54.57
CA SER F 106 -14.31 -0.96 -55.70
C SER F 106 -13.19 0.06 -55.51
N LEU F 107 -13.25 0.86 -54.46
CA LEU F 107 -12.23 1.87 -54.17
C LEU F 107 -12.32 2.22 -52.70
N ALA F 108 -11.45 3.15 -52.27
CA ALA F 108 -11.32 3.59 -50.87
C ALA F 108 -11.04 2.43 -49.94
N SER F 109 -10.21 1.49 -50.40
CA SER F 109 -9.92 0.25 -49.69
C SER F 109 -8.99 0.54 -48.50
N VAL F 110 -9.58 1.12 -47.46
CA VAL F 110 -8.83 1.36 -46.21
C VAL F 110 -8.42 0.03 -45.60
N PRO F 111 -7.22 -0.11 -45.03
CA PRO F 111 -6.87 -1.37 -44.35
C PRO F 111 -7.67 -1.57 -43.08
N CYS F 112 -8.62 -2.52 -43.13
CA CYS F 112 -9.58 -2.70 -42.06
C CYS F 112 -8.93 -3.22 -40.78
N THR F 113 -7.85 -4.00 -40.88
CA THR F 113 -7.20 -4.54 -39.69
C THR F 113 -6.71 -3.42 -38.75
N LEU F 114 -5.95 -2.45 -39.28
CA LEU F 114 -5.48 -1.32 -38.48
C LEU F 114 -6.64 -0.47 -38.01
N LEU F 115 -7.65 -0.27 -38.87
CA LEU F 115 -8.80 0.55 -38.55
C LEU F 115 -9.57 -0.02 -37.37
N THR F 116 -9.95 -1.30 -37.44
CA THR F 116 -10.70 -1.88 -36.33
C THR F 116 -9.81 -2.10 -35.10
N ALA F 117 -8.49 -2.25 -35.29
CA ALA F 117 -7.58 -2.32 -34.14
C ALA F 117 -7.59 -1.02 -33.34
N CYS F 118 -7.32 0.11 -34.02
CA CYS F 118 -7.36 1.41 -33.35
C CYS F 118 -8.76 1.70 -32.81
N PHE F 119 -9.79 1.34 -33.58
CA PHE F 119 -11.19 1.51 -33.20
C PHE F 119 -11.50 0.86 -31.85
N TYR F 120 -11.24 -0.46 -31.76
CA TYR F 120 -11.58 -1.19 -30.54
C TYR F 120 -10.68 -0.82 -29.37
N VAL F 121 -9.39 -0.56 -29.63
CA VAL F 121 -8.54 -0.19 -28.49
C VAL F 121 -8.95 1.19 -27.96
N ALA F 122 -9.40 2.09 -28.84
CA ALA F 122 -9.85 3.40 -28.37
C ALA F 122 -11.15 3.30 -27.59
N MET F 123 -12.08 2.46 -28.06
CA MET F 123 -13.34 2.27 -27.33
C MET F 123 -13.10 1.66 -25.95
N PHE F 124 -12.33 0.57 -25.89
CA PHE F 124 -12.08 -0.07 -24.61
C PHE F 124 -11.19 0.78 -23.71
N ALA F 125 -10.30 1.58 -24.30
CA ALA F 125 -9.50 2.52 -23.51
C ALA F 125 -10.38 3.59 -22.89
N SER F 126 -11.36 4.11 -23.65
CA SER F 126 -12.30 5.07 -23.10
C SER F 126 -13.08 4.48 -21.92
N LEU F 127 -13.58 3.25 -22.10
CA LEU F 127 -14.36 2.61 -21.03
C LEU F 127 -13.51 2.35 -19.79
N CYS F 128 -12.30 1.79 -19.97
CA CYS F 128 -11.46 1.49 -18.82
C CYS F 128 -10.92 2.75 -18.17
N PHE F 129 -10.76 3.84 -18.93
CA PHE F 129 -10.35 5.09 -18.32
C PHE F 129 -11.49 5.77 -17.56
N ILE F 130 -12.74 5.60 -18.00
CA ILE F 130 -13.88 5.98 -17.17
C ILE F 130 -13.84 5.20 -15.85
N THR F 131 -13.57 3.89 -15.94
CA THR F 131 -13.40 3.06 -14.75
C THR F 131 -12.28 3.60 -13.85
N GLU F 132 -11.15 4.00 -14.45
CA GLU F 132 -10.03 4.50 -13.68
C GLU F 132 -10.34 5.84 -13.01
N ILE F 133 -11.07 6.72 -13.69
CA ILE F 133 -11.50 7.97 -13.09
C ILE F 133 -12.40 7.71 -11.88
N ALA F 134 -13.31 6.75 -12.02
CA ALA F 134 -14.17 6.37 -10.89
C ALA F 134 -13.35 5.81 -9.72
N LEU F 135 -12.36 4.97 -10.03
CA LEU F 135 -11.50 4.41 -8.99
C LEU F 135 -10.70 5.49 -8.29
N ASP F 136 -10.19 6.47 -9.05
CA ASP F 136 -9.39 7.53 -8.45
C ASP F 136 -10.25 8.46 -7.61
N ARG F 137 -11.48 8.74 -8.06
CA ARG F 137 -12.41 9.49 -7.23
C ARG F 137 -12.83 8.71 -6.00
N TYR F 138 -12.79 7.37 -6.06
CA TYR F 138 -13.09 6.56 -4.88
C TYR F 138 -11.95 6.67 -3.87
N TYR F 139 -10.73 6.37 -4.30
CA TYR F 139 -9.57 6.35 -3.39
C TYR F 139 -9.26 7.74 -2.84
N ALA F 140 -9.29 8.77 -3.69
CA ALA F 140 -8.90 10.11 -3.24
C ALA F 140 -9.94 10.76 -2.32
N ILE F 141 -11.11 10.15 -2.15
CA ILE F 141 -12.16 10.68 -1.29
C ILE F 141 -12.32 9.84 -0.03
N VAL F 142 -12.60 8.53 -0.18
CA VAL F 142 -12.90 7.75 1.01
C VAL F 142 -11.64 7.37 1.79
N TYR F 143 -10.48 7.32 1.14
CA TYR F 143 -9.24 6.87 1.78
C TYR F 143 -8.17 7.94 1.90
N MET F 144 -8.33 9.08 1.21
CA MET F 144 -7.31 10.14 1.07
C MET F 144 -6.02 9.59 0.46
N ARG F 145 -6.13 8.55 -0.36
CA ARG F 145 -4.95 7.91 -0.94
C ARG F 145 -4.74 8.53 -2.32
N TYR F 146 -4.10 9.69 -2.33
CA TYR F 146 -3.87 10.43 -3.55
C TYR F 146 -2.80 9.75 -4.40
N ARG F 147 -2.89 9.95 -5.70
CA ARG F 147 -1.93 9.26 -6.55
C ARG F 147 -0.91 10.24 -7.12
N PRO F 148 0.34 9.82 -7.25
CA PRO F 148 1.33 10.66 -7.93
C PRO F 148 1.06 10.75 -9.42
N VAL F 149 1.53 11.85 -10.02
CA VAL F 149 1.31 12.07 -11.44
C VAL F 149 2.08 11.06 -12.28
N LYS F 150 3.32 10.75 -11.88
CA LYS F 150 4.10 9.75 -12.61
C LYS F 150 3.50 8.36 -12.46
N GLN F 151 3.04 8.01 -11.26
CA GLN F 151 2.32 6.76 -11.05
C GLN F 151 1.00 6.74 -11.81
N ALA F 152 0.35 7.89 -11.94
CA ALA F 152 -0.85 7.98 -12.78
C ALA F 152 -0.53 7.70 -14.24
N CYS F 153 0.62 8.22 -14.73
CA CYS F 153 1.05 7.90 -16.09
C CYS F 153 1.35 6.42 -16.26
N LEU F 154 1.98 5.80 -15.25
CA LEU F 154 2.22 4.37 -15.29
C LEU F 154 0.92 3.58 -15.34
N PHE F 155 -0.07 3.98 -14.54
CA PHE F 155 -1.38 3.34 -14.59
C PHE F 155 -2.06 3.57 -15.94
N SER F 156 -1.84 4.73 -16.55
CA SER F 156 -2.41 5.01 -17.87
C SER F 156 -1.81 4.10 -18.94
N ILE F 157 -0.50 3.90 -18.89
CA ILE F 157 0.15 2.96 -19.82
C ILE F 157 -0.35 1.55 -19.56
N PHE F 158 -0.56 1.19 -18.29
CA PHE F 158 -1.11 -0.11 -17.94
C PHE F 158 -2.52 -0.28 -18.50
N TRP F 159 -3.35 0.76 -18.41
CA TRP F 159 -4.70 0.68 -18.96
C TRP F 159 -4.70 0.62 -20.47
N TRP F 160 -3.76 1.30 -21.14
CA TRP F 160 -3.63 1.17 -22.59
C TRP F 160 -3.25 -0.26 -22.99
N ILE F 161 -2.29 -0.85 -22.29
CA ILE F 161 -1.90 -2.23 -22.57
C ILE F 161 -3.06 -3.18 -22.30
N PHE F 162 -3.80 -2.95 -21.22
CA PHE F 162 -4.98 -3.74 -20.90
C PHE F 162 -6.05 -3.59 -21.98
N ALA F 163 -6.19 -2.39 -22.53
CA ALA F 163 -7.12 -2.16 -23.63
C ALA F 163 -6.72 -2.96 -24.87
N VAL F 164 -5.41 -2.99 -25.17
CA VAL F 164 -4.92 -3.78 -26.31
C VAL F 164 -5.22 -5.27 -26.10
N ILE F 165 -4.91 -5.79 -24.90
CA ILE F 165 -5.12 -7.21 -24.65
C ILE F 165 -6.57 -7.56 -24.41
N ILE F 166 -7.43 -6.58 -24.17
CA ILE F 166 -8.86 -6.86 -24.04
C ILE F 166 -9.58 -6.71 -25.38
N ALA F 167 -9.02 -5.96 -26.33
CA ALA F 167 -9.56 -5.86 -27.67
C ALA F 167 -8.93 -6.82 -28.66
N ILE F 168 -7.87 -7.53 -28.28
CA ILE F 168 -7.23 -8.52 -29.15
C ILE F 168 -8.14 -9.65 -29.65
N PRO F 169 -9.24 -10.08 -28.97
CA PRO F 169 -10.15 -11.03 -29.66
C PRO F 169 -10.80 -10.48 -30.91
N HIS F 170 -10.99 -9.15 -31.01
CA HIS F 170 -11.78 -8.61 -32.10
C HIS F 170 -10.94 -8.40 -33.37
N PHE F 171 -9.88 -7.60 -33.28
CA PHE F 171 -9.19 -7.19 -34.50
C PHE F 171 -8.16 -8.20 -35.01
N MET F 172 -7.87 -9.25 -34.25
CA MET F 172 -6.95 -10.27 -34.72
C MET F 172 -7.62 -11.26 -35.66
N VAL F 173 -8.94 -11.29 -35.71
CA VAL F 173 -9.68 -12.23 -36.54
C VAL F 173 -10.23 -11.59 -37.81
N VAL F 174 -10.46 -10.28 -37.82
CA VAL F 174 -11.07 -9.62 -38.97
C VAL F 174 -10.07 -9.61 -40.13
N THR F 175 -10.31 -10.47 -41.11
CA THR F 175 -9.49 -10.60 -42.30
C THR F 175 -9.90 -9.56 -43.35
N LYS F 176 -9.30 -9.70 -44.54
CA LYS F 176 -9.40 -8.74 -45.65
C LYS F 176 -9.55 -9.47 -46.98
N LYS F 177 -10.78 -9.58 -47.47
CA LYS F 177 -11.01 -10.05 -48.82
C LYS F 177 -10.77 -8.89 -49.80
N ASP F 178 -11.03 -9.12 -51.08
CA ASP F 178 -10.74 -8.12 -52.10
C ASP F 178 -11.59 -6.85 -51.94
N ASN F 179 -12.90 -7.01 -51.75
CA ASN F 179 -13.81 -5.85 -51.69
C ASN F 179 -13.98 -5.29 -50.28
N GLN F 180 -14.46 -6.11 -49.36
CA GLN F 180 -14.74 -5.72 -47.98
C GLN F 180 -13.75 -6.35 -47.02
N CYS F 181 -14.06 -6.25 -45.73
CA CYS F 181 -13.31 -6.90 -44.65
C CYS F 181 -14.29 -7.63 -43.76
N MET F 182 -13.88 -8.80 -43.28
CA MET F 182 -14.86 -9.73 -42.75
C MET F 182 -14.29 -10.61 -41.65
N THR F 183 -15.18 -11.28 -40.92
CA THR F 183 -14.78 -12.29 -39.93
C THR F 183 -15.32 -13.66 -40.33
N ASP F 184 -14.46 -14.67 -40.29
CA ASP F 184 -14.76 -15.99 -40.82
C ASP F 184 -15.25 -16.89 -39.70
N TYR F 185 -16.50 -17.33 -39.79
CA TYR F 185 -17.09 -18.24 -38.81
C TYR F 185 -17.13 -19.69 -39.28
N ASP F 186 -16.65 -19.98 -40.49
CA ASP F 186 -16.62 -21.33 -41.02
C ASP F 186 -15.22 -21.93 -41.04
N TYR F 187 -14.17 -21.13 -40.86
CA TYR F 187 -12.81 -21.65 -40.73
C TYR F 187 -12.39 -21.78 -39.27
N LEU F 188 -13.04 -21.07 -38.37
CA LEU F 188 -12.75 -21.12 -36.95
C LEU F 188 -14.02 -21.51 -36.20
N GLU F 189 -13.96 -21.37 -34.87
CA GLU F 189 -15.04 -21.85 -33.99
C GLU F 189 -16.37 -21.16 -34.31
N VAL F 190 -17.42 -21.97 -34.44
CA VAL F 190 -18.75 -21.42 -34.66
C VAL F 190 -19.26 -20.73 -33.40
N SER F 191 -18.88 -21.22 -32.23
CA SER F 191 -19.29 -20.60 -30.97
C SER F 191 -18.39 -19.44 -30.56
N TYR F 192 -17.34 -19.16 -31.32
CA TYR F 192 -16.46 -18.04 -31.00
C TYR F 192 -17.17 -16.67 -31.00
N PRO F 193 -18.07 -16.33 -31.95
CA PRO F 193 -18.75 -15.03 -31.84
C PRO F 193 -19.50 -14.80 -30.54
N ILE F 194 -20.06 -15.87 -29.96
CA ILE F 194 -20.71 -15.76 -28.65
C ILE F 194 -19.71 -15.29 -27.61
N ILE F 195 -18.53 -15.92 -27.61
CA ILE F 195 -17.44 -15.53 -26.72
C ILE F 195 -17.07 -14.08 -26.99
N LEU F 196 -17.06 -13.69 -28.26
CA LEU F 196 -16.78 -12.31 -28.61
C LEU F 196 -17.86 -11.39 -28.05
N ASN F 197 -19.14 -11.75 -28.27
CA ASN F 197 -20.23 -10.86 -27.87
C ASN F 197 -20.31 -10.72 -26.36
N VAL F 198 -20.11 -11.82 -25.63
CA VAL F 198 -20.11 -11.76 -24.18
C VAL F 198 -18.94 -10.91 -23.72
N GLU F 199 -17.80 -11.04 -24.42
CA GLU F 199 -16.64 -10.21 -24.12
C GLU F 199 -16.98 -8.75 -24.31
N LEU F 200 -17.71 -8.43 -25.38
CA LEU F 200 -18.05 -7.04 -25.65
C LEU F 200 -19.02 -6.52 -24.60
N MET F 201 -19.85 -7.39 -24.02
CA MET F 201 -20.73 -6.90 -22.97
C MET F 201 -20.11 -7.06 -21.58
N LEU F 202 -18.90 -7.63 -21.48
CA LEU F 202 -18.25 -7.77 -20.18
C LEU F 202 -17.26 -6.65 -19.91
N GLY F 203 -16.29 -6.46 -20.81
CA GLY F 203 -15.31 -5.40 -20.62
C GLY F 203 -15.85 -4.00 -20.80
N ALA F 204 -17.02 -3.87 -21.40
CA ALA F 204 -17.62 -2.56 -21.65
C ALA F 204 -18.73 -2.19 -20.68
N PHE F 205 -19.59 -3.13 -20.28
CA PHE F 205 -20.79 -2.78 -19.54
C PHE F 205 -20.81 -3.32 -18.11
N VAL F 206 -20.69 -4.63 -17.91
CA VAL F 206 -20.96 -5.23 -16.60
C VAL F 206 -19.95 -4.75 -15.56
N ILE F 207 -18.67 -5.06 -15.79
CA ILE F 207 -17.62 -4.62 -14.86
C ILE F 207 -17.54 -3.10 -14.73
N PRO F 208 -17.51 -2.31 -15.82
CA PRO F 208 -17.42 -0.85 -15.62
C PRO F 208 -18.63 -0.25 -14.91
N LEU F 209 -19.86 -0.62 -15.28
CA LEU F 209 -21.02 -0.07 -14.57
C LEU F 209 -21.02 -0.48 -13.11
N SER F 210 -20.66 -1.73 -12.82
CA SER F 210 -20.59 -2.18 -11.43
C SER F 210 -19.58 -1.35 -10.63
N VAL F 211 -18.38 -1.17 -11.16
CA VAL F 211 -17.35 -0.49 -10.39
C VAL F 211 -17.66 1.01 -10.25
N ILE F 212 -18.18 1.65 -11.31
CA ILE F 212 -18.47 3.08 -11.21
C ILE F 212 -19.67 3.30 -10.28
N SER F 213 -20.67 2.42 -10.31
CA SER F 213 -21.80 2.53 -9.41
C SER F 213 -21.36 2.35 -7.96
N TYR F 214 -20.52 1.35 -7.69
CA TYR F 214 -20.06 1.12 -6.32
C TYR F 214 -19.23 2.29 -5.81
N CYS F 215 -18.25 2.75 -6.61
CA CYS F 215 -17.39 3.86 -6.19
C CYS F 215 -18.17 5.15 -6.00
N TYR F 216 -19.09 5.46 -6.92
CA TYR F 216 -19.83 6.72 -6.82
C TYR F 216 -20.85 6.67 -5.71
N TYR F 217 -21.46 5.50 -5.45
CA TYR F 217 -22.35 5.36 -4.31
C TYR F 217 -21.59 5.52 -2.99
N ARG F 218 -20.39 4.94 -2.91
CA ARG F 218 -19.57 5.08 -1.70
C ARG F 218 -19.21 6.53 -1.45
N ILE F 219 -18.66 7.21 -2.47
CA ILE F 219 -18.25 8.60 -2.24
C ILE F 219 -19.45 9.52 -2.03
N SER F 220 -20.61 9.18 -2.60
CA SER F 220 -21.81 9.99 -2.37
C SER F 220 -22.31 9.82 -0.94
N ARG F 221 -22.34 8.58 -0.44
CA ARG F 221 -22.69 8.34 0.96
C ARG F 221 -21.69 9.00 1.91
N ILE F 222 -20.42 9.10 1.50
CA ILE F 222 -19.43 9.77 2.32
C ILE F 222 -19.67 11.28 2.36
N VAL F 223 -19.86 11.90 1.19
CA VAL F 223 -20.00 13.36 1.15
C VAL F 223 -21.37 13.83 1.60
N ALA F 224 -22.36 12.94 1.70
CA ALA F 224 -23.68 13.34 2.19
C ALA F 224 -23.69 13.71 3.67
N VAL F 225 -22.61 13.42 4.42
CA VAL F 225 -22.58 13.77 5.83
C VAL F 225 -22.29 15.27 6.01
N SER F 226 -21.63 15.90 5.05
CA SER F 226 -21.24 17.30 5.17
C SER F 226 -22.48 18.20 5.09
N GLN F 227 -22.74 18.95 6.17
CA GLN F 227 -23.87 19.87 6.23
C GLN F 227 -23.72 21.10 5.34
N SER F 228 -22.63 21.22 4.57
CA SER F 228 -22.46 22.32 3.66
C SER F 228 -23.39 22.19 2.45
N ARG F 229 -23.54 23.29 1.73
CA ARG F 229 -24.44 23.33 0.57
C ARG F 229 -23.75 22.99 -0.74
N HIS F 230 -22.42 23.17 -0.83
CA HIS F 230 -21.70 22.89 -2.08
C HIS F 230 -21.59 21.41 -2.41
N LYS F 231 -22.02 20.51 -1.50
CA LYS F 231 -21.97 19.07 -1.78
C LYS F 231 -22.97 18.64 -2.85
N GLY F 232 -23.97 19.46 -3.14
CA GLY F 232 -24.99 19.08 -4.09
C GLY F 232 -24.47 18.87 -5.50
N ARG F 233 -23.48 19.66 -5.91
CA ARG F 233 -23.02 19.62 -7.30
C ARG F 233 -22.41 18.27 -7.67
N ILE F 234 -21.48 17.77 -6.85
CA ILE F 234 -20.71 16.58 -7.22
C ILE F 234 -21.59 15.36 -7.31
N VAL F 235 -22.48 15.15 -6.32
CA VAL F 235 -23.34 13.97 -6.36
C VAL F 235 -24.23 14.02 -7.58
N ARG F 236 -24.68 15.23 -7.96
CA ARG F 236 -25.53 15.35 -9.14
C ARG F 236 -24.77 14.94 -10.38
N VAL F 237 -23.51 15.39 -10.53
CA VAL F 237 -22.80 15.05 -11.75
C VAL F 237 -22.47 13.55 -11.72
N LEU F 238 -22.25 12.99 -10.52
CA LEU F 238 -22.00 11.57 -10.46
C LEU F 238 -23.25 10.81 -10.84
N ILE F 239 -24.40 11.26 -10.32
CA ILE F 239 -25.67 10.67 -10.75
C ILE F 239 -25.83 10.84 -12.25
N ALA F 240 -25.45 12.03 -12.74
CA ALA F 240 -25.59 12.32 -14.16
C ALA F 240 -24.73 11.38 -14.99
N VAL F 241 -23.47 11.17 -14.57
CA VAL F 241 -22.62 10.33 -15.41
C VAL F 241 -23.11 8.89 -15.34
N VAL F 242 -23.57 8.46 -14.15
CA VAL F 242 -24.12 7.11 -14.03
C VAL F 242 -25.33 6.99 -14.92
N LEU F 243 -26.22 8.00 -14.89
CA LEU F 243 -27.41 7.95 -15.71
C LEU F 243 -27.03 7.98 -17.18
N VAL F 244 -26.02 8.79 -17.52
CA VAL F 244 -25.60 8.86 -18.91
C VAL F 244 -24.95 7.54 -19.30
N PHE F 245 -24.19 6.93 -18.39
CA PHE F 245 -23.65 5.62 -18.67
C PHE F 245 -24.77 4.58 -18.77
N ILE F 246 -25.81 4.71 -17.94
CA ILE F 246 -26.95 3.79 -18.03
C ILE F 246 -27.70 4.01 -19.34
N ILE F 247 -28.29 5.22 -19.49
CA ILE F 247 -29.25 5.50 -20.55
C ILE F 247 -28.63 5.29 -21.93
N PHE F 248 -27.35 5.61 -22.08
CA PHE F 248 -26.70 5.50 -23.37
C PHE F 248 -26.02 4.15 -23.60
N TRP F 249 -26.13 3.20 -22.66
CA TRP F 249 -25.55 1.88 -22.90
C TRP F 249 -26.50 0.73 -22.61
N LEU F 250 -27.49 0.97 -21.74
CA LEU F 250 -28.39 -0.11 -21.30
C LEU F 250 -29.15 -0.82 -22.40
N PRO F 251 -29.82 -0.15 -23.36
CA PRO F 251 -30.49 -0.94 -24.42
C PRO F 251 -29.55 -1.75 -25.30
N TYR F 252 -28.41 -1.15 -25.72
CA TYR F 252 -27.51 -1.81 -26.66
C TYR F 252 -26.96 -3.11 -26.12
N HIS F 253 -26.51 -3.12 -24.87
CA HIS F 253 -25.96 -4.37 -24.35
C HIS F 253 -27.08 -5.36 -24.06
N LEU F 254 -28.26 -4.86 -23.69
CA LEU F 254 -29.42 -5.75 -23.59
C LEU F 254 -29.78 -6.29 -24.97
N THR F 255 -29.63 -5.47 -26.01
CA THR F 255 -29.81 -5.98 -27.36
C THR F 255 -28.79 -7.06 -27.66
N LEU F 256 -27.53 -6.82 -27.26
CA LEU F 256 -26.51 -7.85 -27.43
C LEU F 256 -26.86 -9.06 -26.60
N PHE F 257 -27.45 -8.84 -25.42
CA PHE F 257 -27.86 -9.95 -24.56
C PHE F 257 -28.89 -10.79 -25.27
N VAL F 258 -29.93 -10.17 -25.84
CA VAL F 258 -30.93 -10.98 -26.51
C VAL F 258 -30.35 -11.55 -27.80
N ASP F 259 -29.36 -10.85 -28.38
CA ASP F 259 -28.68 -11.38 -29.56
C ASP F 259 -27.90 -12.63 -29.18
N THR F 260 -27.26 -12.60 -27.99
CA THR F 260 -26.61 -13.81 -27.50
C THR F 260 -27.65 -14.89 -27.25
N LEU F 261 -28.83 -14.48 -26.78
CA LEU F 261 -29.94 -15.42 -26.61
C LEU F 261 -30.30 -16.04 -27.95
N LYS F 262 -30.29 -15.24 -29.01
CA LYS F 262 -30.48 -15.80 -30.35
C LYS F 262 -29.35 -16.75 -30.71
N LEU F 263 -28.11 -16.38 -30.38
CA LEU F 263 -26.97 -17.23 -30.73
C LEU F 263 -26.95 -18.54 -29.97
N LEU F 264 -27.50 -18.58 -28.75
CA LEU F 264 -27.66 -19.83 -28.03
C LEU F 264 -28.98 -20.52 -28.30
N LYS F 265 -29.86 -19.90 -29.10
CA LYS F 265 -31.15 -20.48 -29.52
C LYS F 265 -32.02 -20.86 -28.34
N TRP F 266 -31.96 -20.07 -27.27
CA TRP F 266 -32.80 -20.31 -26.10
C TRP F 266 -34.24 -19.88 -26.36
N ILE F 267 -34.46 -18.58 -26.61
CA ILE F 267 -35.77 -18.04 -26.93
C ILE F 267 -35.62 -17.29 -28.25
N SER F 268 -35.89 -17.97 -29.35
CA SER F 268 -35.68 -17.42 -30.69
C SER F 268 -36.99 -17.38 -31.46
N SER F 269 -36.93 -16.80 -32.64
CA SER F 269 -38.09 -16.68 -33.52
C SER F 269 -37.59 -16.67 -34.97
N SER F 270 -38.45 -16.23 -35.89
CA SER F 270 -38.19 -16.31 -37.32
C SER F 270 -37.49 -15.03 -37.78
N CYS F 271 -37.43 -14.83 -39.10
CA CYS F 271 -36.69 -13.72 -39.69
C CYS F 271 -37.21 -12.35 -39.27
N GLU F 272 -38.48 -12.25 -38.89
CA GLU F 272 -39.01 -10.96 -38.43
C GLU F 272 -38.31 -10.49 -37.15
N PHE F 273 -38.19 -11.39 -36.17
CA PHE F 273 -37.41 -11.06 -34.97
C PHE F 273 -35.96 -10.75 -35.30
N GLU F 274 -35.37 -11.45 -36.27
CA GLU F 274 -33.98 -11.17 -36.63
C GLU F 274 -33.80 -9.78 -37.24
N ARG F 275 -34.69 -9.37 -38.16
CA ARG F 275 -34.53 -8.05 -38.77
C ARG F 275 -34.87 -6.94 -37.77
N SER F 276 -35.88 -7.16 -36.91
CA SER F 276 -36.16 -6.18 -35.86
C SER F 276 -34.98 -6.07 -34.89
N LEU F 277 -34.34 -7.21 -34.59
CA LEU F 277 -33.16 -7.21 -33.73
C LEU F 277 -32.00 -6.49 -34.39
N LYS F 278 -31.82 -6.67 -35.70
CA LYS F 278 -30.76 -5.98 -36.42
C LYS F 278 -30.98 -4.47 -36.42
N ARG F 279 -32.23 -4.04 -36.65
CA ARG F 279 -32.58 -2.62 -36.60
C ARG F 279 -32.31 -2.03 -35.22
N ALA F 280 -32.80 -2.69 -34.17
CA ALA F 280 -32.56 -2.21 -32.81
C ALA F 280 -31.08 -2.25 -32.47
N LEU F 281 -30.34 -3.22 -33.01
CA LEU F 281 -28.92 -3.35 -32.73
C LEU F 281 -28.13 -2.19 -33.33
N ILE F 282 -28.37 -1.87 -34.60
CA ILE F 282 -27.65 -0.76 -35.22
C ILE F 282 -28.06 0.57 -34.59
N LEU F 283 -29.35 0.75 -34.28
CA LEU F 283 -29.80 2.02 -33.70
C LEU F 283 -29.21 2.21 -32.29
N THR F 284 -29.27 1.19 -31.45
CA THR F 284 -28.76 1.36 -30.09
C THR F 284 -27.24 1.36 -30.05
N GLU F 285 -26.56 0.72 -31.02
CA GLU F 285 -25.13 0.89 -31.13
C GLU F 285 -24.77 2.32 -31.52
N SER F 286 -25.54 2.93 -32.43
CA SER F 286 -25.34 4.32 -32.76
C SER F 286 -25.53 5.22 -31.54
N LEU F 287 -26.54 4.91 -30.72
CA LEU F 287 -26.74 5.65 -29.47
C LEU F 287 -25.56 5.48 -28.51
N ALA F 288 -25.05 4.26 -28.41
CA ALA F 288 -23.85 4.00 -27.61
C ALA F 288 -22.66 4.81 -28.12
N PHE F 289 -22.49 4.86 -29.43
CA PHE F 289 -21.45 5.68 -30.03
C PHE F 289 -21.71 7.17 -29.82
N CYS F 290 -22.97 7.57 -29.63
CA CYS F 290 -23.30 8.95 -29.32
C CYS F 290 -22.90 9.31 -27.90
N HIS F 291 -22.86 8.31 -27.01
CA HIS F 291 -22.43 8.54 -25.62
C HIS F 291 -21.05 9.20 -25.54
N CYS F 292 -20.11 8.77 -26.37
CA CYS F 292 -18.72 9.20 -26.24
C CYS F 292 -18.47 10.64 -26.68
N CYS F 293 -19.41 11.27 -27.38
CA CYS F 293 -19.21 12.68 -27.70
C CYS F 293 -19.67 13.58 -26.55
N LEU F 294 -20.74 13.19 -25.87
CA LEU F 294 -21.20 13.89 -24.68
C LEU F 294 -20.36 13.58 -23.45
N ASN F 295 -19.60 12.47 -23.48
CA ASN F 295 -18.75 12.07 -22.36
C ASN F 295 -17.79 13.14 -21.82
N PRO F 296 -17.00 13.87 -22.64
CA PRO F 296 -16.09 14.87 -22.05
C PRO F 296 -16.79 15.99 -21.27
N LEU F 297 -18.01 16.36 -21.69
CA LEU F 297 -18.78 17.37 -20.95
C LEU F 297 -19.09 16.94 -19.53
N LEU F 298 -19.18 15.63 -19.28
CA LEU F 298 -19.57 15.14 -17.97
C LEU F 298 -18.48 15.33 -16.93
N TYR F 299 -17.23 15.07 -17.28
CA TYR F 299 -16.16 15.08 -16.29
C TYR F 299 -15.45 16.43 -16.19
N VAL F 300 -14.86 16.86 -17.30
CA VAL F 300 -13.99 18.04 -17.27
C VAL F 300 -14.82 19.32 -17.23
N PHE F 301 -15.64 19.55 -18.25
CA PHE F 301 -16.23 20.86 -18.48
C PHE F 301 -17.30 21.25 -17.48
N VAL F 302 -17.76 20.32 -16.63
CA VAL F 302 -18.60 20.71 -15.51
C VAL F 302 -17.78 21.55 -14.52
N GLY F 303 -16.48 21.26 -14.39
CA GLY F 303 -15.58 21.95 -13.51
C GLY F 303 -15.42 23.44 -13.79
N THR F 304 -15.55 24.25 -12.74
CA THR F 304 -15.38 25.69 -12.89
C THR F 304 -13.97 26.06 -13.32
N LYS F 305 -12.96 25.35 -12.78
CA LYS F 305 -11.55 25.62 -13.11
C LYS F 305 -11.26 25.47 -14.59
N PHE F 306 -12.11 24.74 -15.31
CA PHE F 306 -12.01 24.66 -16.76
C PHE F 306 -13.01 25.57 -17.47
N ARG F 307 -14.15 25.88 -16.83
CA ARG F 307 -15.08 26.85 -17.41
C ARG F 307 -14.46 28.23 -17.56
N GLN F 308 -13.84 28.76 -16.48
CA GLN F 308 -13.13 30.03 -16.66
C GLN F 308 -11.91 29.90 -17.57
N GLU F 309 -11.22 28.76 -17.55
CA GLU F 309 -10.07 28.58 -18.43
C GLU F 309 -10.47 28.66 -19.91
N LEU F 310 -11.58 28.03 -20.29
CA LEU F 310 -12.10 28.18 -21.65
C LEU F 310 -12.60 29.59 -21.92
N HIS F 311 -13.25 30.23 -20.94
CA HIS F 311 -13.66 31.62 -21.09
C HIS F 311 -12.48 32.53 -21.40
N CYS F 312 -11.34 32.30 -20.72
CA CYS F 312 -10.15 33.11 -20.94
C CYS F 312 -9.43 32.72 -22.23
N LEU F 313 -9.48 31.46 -22.63
CA LEU F 313 -8.65 30.93 -23.70
C LEU F 313 -9.43 30.64 -24.97
N LEU F 314 -10.69 31.09 -25.06
CA LEU F 314 -11.45 30.90 -26.30
C LEU F 314 -10.85 31.68 -27.46
N ALA F 315 -10.25 32.85 -27.18
CA ALA F 315 -9.71 33.69 -28.26
C ALA F 315 -8.47 33.06 -28.88
N GLU F 316 -7.55 32.59 -28.03
CA GLU F 316 -6.20 32.03 -28.32
C GLU F 316 -5.30 32.93 -29.18
#